data_4PF8
#
_entry.id   4PF8
#
_cell.length_a   57.979
_cell.length_b   58.014
_cell.length_c   62.968
_cell.angle_alpha   115.620
_cell.angle_beta   104.690
_cell.angle_gamma   94.160
#
_symmetry.space_group_name_H-M   'P 1'
#
loop_
_entity.id
_entity.type
_entity.pdbx_description
1 polymer 'TRAP-T family transporter, DctP (Periplasmic binding) subunit'
2 non-polymer 'CHLORIDE ION'
3 non-polymer 'beta-D-galactopyranuronic acid'
4 water water
#
_entity_poly.entity_id   1
_entity_poly.type   'polypeptide(L)'
_entity_poly.pdbx_seq_one_letter_code
;(MSE)HHHHHHSSGVDLGTENLYFQS(MSE)KDWRGWNIHVEDYPVSHG(MSE)EAF(MSE)EEVTEKTGGEIKGKVFHA
GVLGSQPDAIEQLRLGI(MSE)DFGVFSLGP(MSE)GQAVPATNVVSLPFVFKSVPQ(MSE)YEL(MSE)DGEPGAALGK
ALEEKGIVALGYYDAGARSFYNSVKPINTPEDVQG(MSE)KVRV(MSE)NNDLFVG(MSE)IES(MSE)GGNATP(MSE)
AFAEVYQSIKTGVVDGAENNPPSYESTSHFEVAKYYSLTQHLIIPECLC(MSE)SKKTFDGLTPEQQEIVKTAGKNSTDL
QRKLWGEREAAS(MSE)KII(MSE)DGGVEVNEIADKSAFQEA(MSE)VPVYEKYLAANPE(MSE)TDLVNLFRNAD
;
_entity_poly.pdbx_strand_id   A,B
#
loop_
_chem_comp.id
_chem_comp.type
_chem_comp.name
_chem_comp.formula
CL non-polymer 'CHLORIDE ION' 'Cl -1'
GTR D-saccharide, beta linking 'beta-D-galactopyranuronic acid' 'C6 H10 O7'
#
# COMPACT_ATOMS: atom_id res chain seq x y z
N ASP A 25 -11.66 -21.19 6.62
CA ASP A 25 -12.25 -19.93 7.05
C ASP A 25 -12.02 -18.88 5.98
N TRP A 26 -13.03 -18.07 5.70
CA TRP A 26 -12.91 -17.04 4.67
C TRP A 26 -12.17 -15.83 5.17
N ARG A 27 -11.49 -15.17 4.25
CA ARG A 27 -10.90 -13.87 4.52
C ARG A 27 -11.53 -12.80 3.63
N GLY A 28 -11.94 -11.71 4.26
CA GLY A 28 -12.57 -10.59 3.56
C GLY A 28 -11.76 -9.32 3.67
N TRP A 29 -11.71 -8.57 2.57
CA TRP A 29 -10.88 -7.36 2.50
C TRP A 29 -11.73 -6.11 2.61
N ASN A 30 -11.28 -5.19 3.45
CA ASN A 30 -11.88 -3.86 3.58
C ASN A 30 -10.75 -2.87 3.70
N ILE A 31 -10.84 -1.77 2.96
CA ILE A 31 -9.87 -0.69 3.04
C ILE A 31 -10.10 0.25 4.23
N HIS A 32 -11.33 0.25 4.74
CA HIS A 32 -11.74 1.26 5.72
C HIS A 32 -11.48 0.94 7.17
N VAL A 33 -11.52 1.97 8.01
CA VAL A 33 -11.47 1.79 9.45
C VAL A 33 -12.63 0.93 9.92
N GLU A 34 -12.49 0.31 11.09
CA GLU A 34 -13.50 -0.60 11.58
C GLU A 34 -14.85 0.08 11.74
N ASP A 35 -14.87 1.31 12.24
CA ASP A 35 -16.14 2.00 12.44
C ASP A 35 -16.48 2.83 11.19
N TYR A 36 -17.12 2.17 10.24
CA TYR A 36 -17.39 2.75 8.91
C TYR A 36 -18.52 1.90 8.30
N PRO A 37 -19.40 2.49 7.48
CA PRO A 37 -20.58 1.74 7.00
C PRO A 37 -20.28 0.47 6.19
N VAL A 38 -19.26 0.54 5.36
CA VAL A 38 -18.80 -0.61 4.61
C VAL A 38 -18.42 -1.73 5.56
N SER A 39 -17.64 -1.38 6.59
CA SER A 39 -17.18 -2.36 7.57
C SER A 39 -18.33 -3.08 8.26
N HIS A 40 -19.33 -2.31 8.67
CA HIS A 40 -20.49 -2.88 9.36
C HIS A 40 -21.28 -3.73 8.39
N GLY A 41 -21.38 -3.29 7.14
CA GLY A 41 -22.05 -4.10 6.15
C GLY A 41 -21.38 -5.46 5.95
N MSE A 42 -20.07 -5.45 5.84
CA MSE A 42 -19.31 -6.68 5.62
C MSE A 42 -19.39 -7.61 6.81
O MSE A 42 -19.50 -8.83 6.65
CB MSE A 42 -17.86 -6.36 5.32
CG MSE A 42 -17.67 -5.68 3.95
SE MSE A 42 -15.81 -5.44 3.53
CE MSE A 42 -15.34 -7.28 3.31
H MSE A 42 -19.58 -4.74 5.88
HA MSE A 42 -19.68 -7.14 4.83
HB2 MSE A 42 -17.52 -5.75 6.00
HB3 MSE A 42 -17.34 -7.18 5.32
HG2 MSE A 42 -18.07 -6.24 3.27
HG3 MSE A 42 -18.09 -4.81 3.97
HE1 MSE A 42 -14.41 -7.33 3.08
HE2 MSE A 42 -15.50 -7.73 4.13
HE3 MSE A 42 -15.86 -7.65 2.60
N GLU A 43 -19.33 -7.04 8.00
CA GLU A 43 -19.42 -7.88 9.19
C GLU A 43 -20.81 -8.51 9.29
N ALA A 44 -21.84 -7.77 8.88
CA ALA A 44 -23.21 -8.27 8.94
C ALA A 44 -23.37 -9.41 7.94
N PHE A 45 -22.76 -9.25 6.78
CA PHE A 45 -22.74 -10.28 5.75
C PHE A 45 -22.13 -11.58 6.31
N MSE A 46 -20.93 -11.46 6.86
CA MSE A 46 -20.22 -12.65 7.35
C MSE A 46 -20.96 -13.29 8.51
O MSE A 46 -21.10 -14.52 8.57
CB MSE A 46 -18.81 -12.25 7.79
CG MSE A 46 -17.88 -13.42 8.04
SE MSE A 46 -17.56 -14.45 6.39
CE MSE A 46 -18.57 -16.05 6.84
H MSE A 46 -20.51 -10.73 6.97
HA MSE A 46 -20.13 -13.29 6.62
HB2 MSE A 46 -18.42 -11.70 7.11
HB3 MSE A 46 -18.87 -11.74 8.62
HG2 MSE A 46 -17.02 -13.08 8.36
HG3 MSE A 46 -18.27 -14.01 8.69
HE1 MSE A 46 -18.51 -16.67 6.11
HE2 MSE A 46 -18.20 -16.43 7.64
HE3 MSE A 46 -19.49 -15.80 6.99
N GLU A 47 -21.49 -12.47 9.42
CA GLU A 47 -22.31 -12.99 10.51
C GLU A 47 -23.51 -13.77 10.01
N GLU A 48 -24.19 -13.26 8.99
CA GLU A 48 -25.38 -13.93 8.48
C GLU A 48 -25.02 -15.26 7.82
N VAL A 49 -23.96 -15.28 7.02
CA VAL A 49 -23.53 -16.52 6.40
C VAL A 49 -23.21 -17.56 7.47
N THR A 50 -22.49 -17.17 8.51
CA THR A 50 -22.15 -18.15 9.57
C THR A 50 -23.39 -18.65 10.29
N GLU A 51 -24.31 -17.74 10.58
CA GLU A 51 -25.54 -18.09 11.27
C GLU A 51 -26.39 -19.08 10.46
N LYS A 52 -26.58 -18.76 9.18
CA LYS A 52 -27.46 -19.55 8.31
C LYS A 52 -26.86 -20.87 7.86
N THR A 53 -25.54 -20.98 7.88
CA THR A 53 -24.88 -22.27 7.60
C THR A 53 -24.61 -23.06 8.88
N GLY A 54 -25.07 -22.57 10.01
CA GLY A 54 -24.89 -23.28 11.27
C GLY A 54 -23.42 -23.44 11.64
N GLY A 55 -22.62 -22.46 11.24
CA GLY A 55 -21.21 -22.45 11.56
C GLY A 55 -20.35 -23.21 10.56
N GLU A 56 -20.96 -23.75 9.51
CA GLU A 56 -20.20 -24.47 8.50
C GLU A 56 -19.24 -23.57 7.75
N ILE A 57 -19.63 -22.33 7.56
CA ILE A 57 -18.77 -21.32 6.95
C ILE A 57 -18.51 -20.24 7.97
N LYS A 58 -17.24 -19.99 8.23
CA LYS A 58 -16.83 -18.93 9.14
C LYS A 58 -15.79 -18.09 8.42
N GLY A 59 -15.58 -16.88 8.90
CA GLY A 59 -14.66 -15.99 8.25
C GLY A 59 -14.45 -14.74 9.05
N LYS A 60 -13.62 -13.88 8.51
CA LYS A 60 -13.23 -12.67 9.20
C LYS A 60 -13.00 -11.60 8.18
N VAL A 61 -13.47 -10.39 8.51
CA VAL A 61 -13.19 -9.20 7.74
C VAL A 61 -11.95 -8.52 8.31
N PHE A 62 -11.00 -8.22 7.42
CA PHE A 62 -9.75 -7.58 7.79
C PHE A 62 -9.81 -6.15 7.34
N HIS A 63 -9.89 -5.26 8.32
CA HIS A 63 -10.11 -3.84 8.06
C HIS A 63 -8.81 -3.08 7.79
N ALA A 64 -8.97 -1.83 7.36
CA ALA A 64 -7.87 -0.88 7.26
C ALA A 64 -6.84 -1.28 6.22
N GLY A 65 -7.25 -2.07 5.23
CA GLY A 65 -6.38 -2.41 4.10
C GLY A 65 -5.18 -3.24 4.49
N VAL A 66 -5.25 -3.93 5.63
CA VAL A 66 -4.09 -4.66 6.15
C VAL A 66 -3.67 -5.81 5.23
N LEU A 67 -4.60 -6.31 4.40
CA LEU A 67 -4.29 -7.40 3.49
C LEU A 67 -3.91 -6.93 2.09
N GLY A 68 -3.82 -5.63 1.88
CA GLY A 68 -3.27 -5.09 0.65
C GLY A 68 -3.89 -3.78 0.19
N SER A 69 -3.20 -3.10 -0.70
CA SER A 69 -3.78 -1.99 -1.44
C SER A 69 -4.92 -2.49 -2.31
N GLN A 70 -5.76 -1.59 -2.76
CA GLN A 70 -6.95 -2.02 -3.44
C GLN A 70 -6.69 -2.76 -4.77
N PRO A 71 -5.80 -2.24 -5.64
CA PRO A 71 -5.54 -2.97 -6.88
C PRO A 71 -5.01 -4.40 -6.59
N ASP A 72 -4.17 -4.52 -5.57
CA ASP A 72 -3.58 -5.83 -5.24
C ASP A 72 -4.64 -6.73 -4.61
N ALA A 73 -5.56 -6.17 -3.85
CA ALA A 73 -6.63 -6.97 -3.25
C ALA A 73 -7.58 -7.52 -4.31
N ILE A 74 -7.86 -6.72 -5.34
CA ILE A 74 -8.70 -7.17 -6.43
C ILE A 74 -8.03 -8.36 -7.11
N GLU A 75 -6.72 -8.25 -7.33
CA GLU A 75 -5.98 -9.34 -7.96
C GLU A 75 -6.05 -10.61 -7.07
N GLN A 76 -5.88 -10.43 -5.76
CA GLN A 76 -5.98 -11.59 -4.86
C GLN A 76 -7.34 -12.25 -4.96
N LEU A 77 -8.39 -11.45 -5.05
CA LEU A 77 -9.74 -12.01 -5.08
C LEU A 77 -9.97 -12.78 -6.36
N ARG A 78 -9.51 -12.26 -7.49
CA ARG A 78 -9.64 -12.95 -8.76
C ARG A 78 -8.90 -14.28 -8.73
N LEU A 79 -7.78 -14.32 -8.02
CA LEU A 79 -6.97 -15.52 -7.94
C LEU A 79 -7.48 -16.52 -6.92
N GLY A 80 -8.44 -16.13 -6.08
CA GLY A 80 -8.97 -16.99 -5.05
C GLY A 80 -8.21 -16.99 -3.75
N ILE A 81 -7.26 -16.07 -3.62
CA ILE A 81 -6.43 -15.88 -2.44
C ILE A 81 -7.21 -15.13 -1.37
N MSE A 82 -8.12 -14.26 -1.81
CA MSE A 82 -9.01 -13.51 -0.95
C MSE A 82 -10.41 -14.01 -1.28
O MSE A 82 -10.71 -14.18 -2.46
CB MSE A 82 -8.95 -12.01 -1.28
CG MSE A 82 -9.81 -11.18 -0.39
SE MSE A 82 -9.00 -11.00 1.36
CE MSE A 82 -7.50 -9.94 0.77
H MSE A 82 -8.23 -14.08 -2.64
HA MSE A 82 -8.80 -13.65 0.00
HB2 MSE A 82 -8.04 -11.71 -1.18
HB3 MSE A 82 -9.25 -11.88 -2.19
HG2 MSE A 82 -9.91 -10.29 -0.78
HG3 MSE A 82 -10.68 -11.59 -0.29
HE1 MSE A 82 -6.94 -9.74 1.52
HE2 MSE A 82 -7.00 -10.45 0.12
HE3 MSE A 82 -7.82 -9.13 0.37
N ASP A 83 -11.25 -14.28 -0.27
CA ASP A 83 -12.56 -14.85 -0.58
C ASP A 83 -13.64 -13.84 -0.89
N PHE A 84 -13.64 -12.74 -0.16
CA PHE A 84 -14.62 -11.68 -0.40
C PHE A 84 -14.05 -10.32 -0.08
N GLY A 85 -14.77 -9.29 -0.52
CA GLY A 85 -14.33 -7.93 -0.27
C GLY A 85 -15.36 -6.94 -0.69
N VAL A 86 -15.20 -5.70 -0.25
CA VAL A 86 -15.92 -4.60 -0.86
C VAL A 86 -14.87 -3.73 -1.53
N PHE A 87 -15.05 -3.58 -2.82
CA PHE A 87 -14.12 -2.83 -3.66
C PHE A 87 -14.82 -1.66 -4.34
N SER A 88 -14.17 -0.52 -4.34
CA SER A 88 -14.61 0.55 -5.21
C SER A 88 -14.46 0.08 -6.64
N LEU A 89 -15.41 0.42 -7.50
CA LEU A 89 -15.24 0.14 -8.90
C LEU A 89 -14.16 1.03 -9.56
N GLY A 90 -13.70 2.06 -8.85
CA GLY A 90 -12.70 2.96 -9.41
C GLY A 90 -11.45 2.22 -9.85
N PRO A 91 -10.78 1.54 -8.91
CA PRO A 91 -9.55 0.81 -9.26
C PRO A 91 -9.81 -0.49 -10.03
N MSE A 92 -11.06 -0.90 -10.09
CA MSE A 92 -11.45 -2.11 -10.79
C MSE A 92 -11.35 -1.96 -12.31
O MSE A 92 -11.33 -2.94 -13.03
CB MSE A 92 -12.88 -2.48 -10.40
CG MSE A 92 -13.40 -3.74 -11.00
SE MSE A 92 -12.64 -5.24 -10.10
CE MSE A 92 -13.61 -5.21 -8.42
H MSE A 92 -11.72 -0.48 -9.73
HA MSE A 92 -10.87 -2.85 -10.50
HB2 MSE A 92 -12.92 -2.58 -9.44
HB3 MSE A 92 -13.46 -1.76 -10.68
HG2 MSE A 92 -14.36 -3.77 -10.91
HG3 MSE A 92 -13.14 -3.78 -11.94
HE1 MSE A 92 -13.31 -5.93 -7.87
HE2 MSE A 92 -13.45 -4.37 -7.97
HE3 MSE A 92 -14.55 -5.30 -8.60
N GLY A 93 -11.26 -0.73 -12.80
CA GLY A 93 -11.12 -0.50 -14.23
C GLY A 93 -9.94 -1.20 -14.91
N GLN A 94 -8.86 -1.48 -14.19
CA GLN A 94 -7.74 -2.18 -14.80
C GLN A 94 -8.01 -3.68 -15.04
N ALA A 95 -8.57 -4.35 -14.05
CA ALA A 95 -8.87 -5.78 -14.15
C ALA A 95 -10.09 -6.03 -15.01
N VAL A 96 -11.06 -5.12 -14.93
CA VAL A 96 -12.35 -5.29 -15.58
C VAL A 96 -12.70 -4.04 -16.38
N PRO A 97 -12.27 -3.99 -17.63
CA PRO A 97 -12.40 -2.73 -18.39
C PRO A 97 -13.82 -2.15 -18.46
N ALA A 98 -14.85 -2.99 -18.48
CA ALA A 98 -16.22 -2.48 -18.54
C ALA A 98 -16.54 -1.52 -17.39
N THR A 99 -15.91 -1.73 -16.24
CA THR A 99 -16.25 -0.93 -15.08
C THR A 99 -15.71 0.50 -15.17
N ASN A 100 -14.88 0.80 -16.16
CA ASN A 100 -14.42 2.19 -16.29
C ASN A 100 -15.56 3.17 -16.44
N VAL A 101 -16.68 2.71 -16.99
N VAL A 101 -16.67 2.73 -17.01
CA VAL A 101 -17.80 3.61 -17.28
CA VAL A 101 -17.77 3.67 -17.27
C VAL A 101 -18.33 4.34 -16.04
C VAL A 101 -18.18 4.41 -16.00
N VAL A 102 -18.26 3.74 -14.86
CA VAL A 102 -18.76 4.38 -13.64
C VAL A 102 -17.77 5.37 -13.06
N SER A 103 -16.55 5.38 -13.58
CA SER A 103 -15.53 6.33 -13.15
C SER A 103 -15.45 7.57 -14.02
N LEU A 104 -16.38 7.71 -14.96
CA LEU A 104 -16.43 8.90 -15.78
C LEU A 104 -17.06 10.02 -14.97
N PRO A 105 -16.49 11.23 -15.04
CA PRO A 105 -17.00 12.30 -14.20
C PRO A 105 -18.42 12.69 -14.59
N PHE A 106 -19.26 12.89 -13.59
CA PHE A 106 -20.65 13.30 -13.76
C PHE A 106 -21.49 12.33 -14.59
N VAL A 107 -21.08 11.07 -14.67
CA VAL A 107 -21.81 10.11 -15.50
C VAL A 107 -23.18 9.80 -14.89
N PHE A 108 -23.26 9.80 -13.57
CA PHE A 108 -24.52 9.64 -12.84
C PHE A 108 -25.08 11.03 -12.50
N LYS A 109 -26.39 11.19 -12.64
CA LYS A 109 -27.01 12.48 -12.29
C LYS A 109 -27.10 12.70 -10.79
N SER A 110 -27.15 11.62 -10.03
CA SER A 110 -27.36 11.66 -8.60
C SER A 110 -27.11 10.28 -8.03
N VAL A 111 -27.04 10.18 -6.71
CA VAL A 111 -26.82 8.90 -6.08
C VAL A 111 -28.07 8.03 -6.18
N PRO A 112 -29.27 8.60 -6.02
CA PRO A 112 -30.43 7.72 -6.25
C PRO A 112 -30.52 7.15 -7.67
N GLN A 113 -30.07 7.91 -8.66
CA GLN A 113 -30.05 7.41 -10.02
C GLN A 113 -29.02 6.28 -10.13
N MSE A 114 -27.90 6.43 -9.44
CA MSE A 114 -26.88 5.37 -9.41
C MSE A 114 -27.49 4.08 -8.83
O MSE A 114 -27.30 3.00 -9.39
CB MSE A 114 -25.63 5.81 -8.65
CG MSE A 114 -24.54 4.74 -8.54
SE MSE A 114 -24.79 3.45 -7.11
CE MSE A 114 -24.21 4.55 -5.60
H MSE A 114 -27.70 7.13 -8.99
HA MSE A 114 -26.60 5.18 -10.33
HB2 MSE A 114 -25.25 6.58 -9.10
HB3 MSE A 114 -25.89 6.06 -7.75
HG2 MSE A 114 -24.49 4.25 -9.37
HG3 MSE A 114 -23.69 5.18 -8.37
HE1 MSE A 114 -24.27 4.03 -4.80
HE2 MSE A 114 -23.30 4.81 -5.75
HE3 MSE A 114 -24.78 5.32 -5.55
N TYR A 115 -28.29 4.18 -7.77
CA TYR A 115 -28.91 2.97 -7.22
C TYR A 115 -29.80 2.31 -8.28
N GLU A 116 -30.62 3.11 -8.95
CA GLU A 116 -31.56 2.60 -9.93
C GLU A 116 -30.83 1.88 -11.06
N LEU A 117 -29.74 2.47 -11.54
CA LEU A 117 -29.00 1.89 -12.66
C LEU A 117 -28.23 0.64 -12.22
N MSE A 118 -27.55 0.73 -11.09
CA MSE A 118 -26.72 -0.37 -10.61
C MSE A 118 -27.57 -1.56 -10.14
O MSE A 118 -27.12 -2.72 -10.24
CB MSE A 118 -25.79 0.09 -9.48
CG MSE A 118 -24.78 1.12 -9.96
SE MSE A 118 -23.63 0.46 -11.42
CE MSE A 118 -22.79 -0.93 -10.44
H MSE A 118 -27.55 1.42 -10.57
HA MSE A 118 -26.15 -0.67 -11.35
HB2 MSE A 118 -26.32 0.50 -8.77
HB3 MSE A 118 -25.31 -0.68 -9.13
HG2 MSE A 118 -25.24 1.90 -10.27
HG3 MSE A 118 -24.20 1.35 -9.21
HE1 MSE A 118 -22.17 -1.39 -11.03
HE2 MSE A 118 -22.32 -0.55 -9.70
HE3 MSE A 118 -23.45 -1.55 -10.14
N ASP A 119 -28.79 -1.30 -9.68
CA ASP A 119 -29.71 -2.40 -9.27
C ASP A 119 -30.51 -2.94 -10.45
N GLY A 120 -30.37 -2.31 -11.61
CA GLY A 120 -31.09 -2.68 -12.81
C GLY A 120 -30.19 -3.26 -13.88
N GLU A 121 -30.57 -3.06 -15.14
CA GLU A 121 -29.88 -3.74 -16.23
C GLU A 121 -28.45 -3.26 -16.43
N PRO A 122 -28.19 -1.96 -16.25
CA PRO A 122 -26.79 -1.55 -16.41
C PRO A 122 -25.88 -2.22 -15.38
N GLY A 123 -26.34 -2.27 -14.14
CA GLY A 123 -25.57 -2.95 -13.09
C GLY A 123 -25.41 -4.44 -13.40
N ALA A 124 -26.42 -5.04 -14.00
CA ALA A 124 -26.34 -6.45 -14.36
C ALA A 124 -25.28 -6.69 -15.45
N ALA A 125 -25.13 -5.75 -16.37
CA ALA A 125 -24.09 -5.87 -17.40
C ALA A 125 -22.71 -5.80 -16.76
N LEU A 126 -22.55 -4.93 -15.78
CA LEU A 126 -21.28 -4.84 -15.09
C LEU A 126 -21.06 -6.10 -14.27
N GLY A 127 -22.12 -6.64 -13.67
CA GLY A 127 -21.99 -7.90 -12.95
C GLY A 127 -21.49 -9.02 -13.85
N LYS A 128 -21.97 -9.09 -15.09
CA LYS A 128 -21.53 -10.11 -16.04
C LYS A 128 -20.05 -9.90 -16.39
N ALA A 129 -19.65 -8.65 -16.59
CA ALA A 129 -18.25 -8.34 -16.88
C ALA A 129 -17.34 -8.77 -15.73
N LEU A 130 -17.79 -8.52 -14.51
N LEU A 130 -17.77 -8.52 -14.50
CA LEU A 130 -17.07 -8.94 -13.30
CA LEU A 130 -17.00 -8.95 -13.34
C LEU A 130 -16.89 -10.45 -13.28
C LEU A 130 -16.88 -10.47 -13.28
N GLU A 131 -17.97 -11.17 -13.59
CA GLU A 131 -17.96 -12.62 -13.53
C GLU A 131 -16.96 -13.20 -14.53
N GLU A 132 -16.84 -12.57 -15.68
CA GLU A 132 -15.88 -12.97 -16.71
C GLU A 132 -14.44 -12.86 -16.26
N LYS A 133 -14.21 -12.03 -15.25
CA LYS A 133 -12.88 -11.83 -14.72
C LYS A 133 -12.70 -12.50 -13.34
N GLY A 134 -13.61 -13.40 -12.98
CA GLY A 134 -13.46 -14.15 -11.74
C GLY A 134 -14.04 -13.55 -10.48
N ILE A 135 -15.01 -12.65 -10.63
CA ILE A 135 -15.53 -11.90 -9.49
C ILE A 135 -17.05 -12.00 -9.50
N VAL A 136 -17.64 -12.42 -8.38
CA VAL A 136 -19.09 -12.57 -8.29
C VAL A 136 -19.64 -11.40 -7.46
N ALA A 137 -20.42 -10.54 -8.11
CA ALA A 137 -21.01 -9.37 -7.46
C ALA A 137 -22.23 -9.76 -6.62
N LEU A 138 -22.24 -9.35 -5.36
CA LEU A 138 -23.37 -9.67 -4.47
C LEU A 138 -24.24 -8.47 -4.14
N GLY A 139 -23.72 -7.27 -4.38
CA GLY A 139 -24.47 -6.08 -4.13
C GLY A 139 -23.61 -4.86 -4.33
N TYR A 140 -24.26 -3.73 -4.59
CA TYR A 140 -23.55 -2.46 -4.77
C TYR A 140 -23.77 -1.51 -3.59
N TYR A 141 -22.68 -1.30 -2.87
CA TYR A 141 -22.64 -0.42 -1.70
C TYR A 141 -22.50 1.04 -2.14
N ASP A 142 -23.04 1.93 -1.33
CA ASP A 142 -23.01 3.37 -1.57
C ASP A 142 -21.69 3.97 -1.10
N ALA A 143 -21.11 4.83 -1.93
CA ALA A 143 -19.96 5.61 -1.53
C ALA A 143 -20.19 7.09 -1.84
N GLY A 144 -21.46 7.47 -1.92
CA GLY A 144 -21.79 8.86 -2.11
C GLY A 144 -21.09 9.45 -3.31
N ALA A 145 -20.78 10.76 -3.23
CA ALA A 145 -20.11 11.48 -4.31
C ALA A 145 -18.78 12.00 -3.80
N ARG A 146 -17.79 12.07 -4.68
CA ARG A 146 -16.46 12.52 -4.32
C ARG A 146 -16.28 14.00 -4.64
N SER A 147 -15.65 14.73 -3.71
CA SER A 147 -15.41 16.16 -3.86
C SER A 147 -13.98 16.49 -3.48
N PHE A 148 -13.45 17.58 -4.02
CA PHE A 148 -12.06 17.96 -3.74
C PHE A 148 -11.85 18.49 -2.34
N TYR A 149 -10.72 18.12 -1.75
CA TYR A 149 -10.23 18.79 -0.56
C TYR A 149 -8.76 19.11 -0.73
N ASN A 150 -8.34 20.22 -0.15
CA ASN A 150 -6.94 20.60 -0.25
C ASN A 150 -6.52 21.52 0.87
N SER A 151 -5.22 21.76 0.97
CA SER A 151 -4.66 22.59 2.04
C SER A 151 -4.31 24.00 1.59
N VAL A 152 -4.64 24.33 0.36
CA VAL A 152 -4.21 25.61 -0.25
C VAL A 152 -5.33 26.69 -0.29
N LYS A 153 -6.46 26.35 -0.91
CA LYS A 153 -7.52 27.34 -1.10
C LYS A 153 -8.80 26.69 -1.54
N PRO A 154 -9.91 27.41 -1.40
CA PRO A 154 -11.15 26.85 -1.94
C PRO A 154 -11.07 26.67 -3.46
N ILE A 155 -11.78 25.66 -3.92
CA ILE A 155 -12.03 25.43 -5.32
C ILE A 155 -13.47 25.81 -5.67
N ASN A 156 -13.62 26.83 -6.51
CA ASN A 156 -14.94 27.25 -6.99
C ASN A 156 -15.14 27.09 -8.49
N THR A 157 -14.04 27.05 -9.23
CA THR A 157 -14.08 26.84 -10.68
C THR A 157 -12.94 25.91 -11.06
N PRO A 158 -13.01 25.31 -12.25
CA PRO A 158 -11.92 24.41 -12.64
C PRO A 158 -10.57 25.12 -12.66
N GLU A 159 -10.55 26.41 -12.94
CA GLU A 159 -9.29 27.13 -13.03
C GLU A 159 -8.54 27.11 -11.68
N ASP A 160 -9.28 26.89 -10.59
CA ASP A 160 -8.68 26.89 -9.26
C ASP A 160 -7.81 25.64 -9.05
N VAL A 161 -8.00 24.62 -9.87
CA VAL A 161 -7.18 23.42 -9.77
C VAL A 161 -5.83 23.55 -10.49
N GLN A 162 -5.67 24.57 -11.32
CA GLN A 162 -4.42 24.75 -12.05
C GLN A 162 -3.21 24.75 -11.13
N GLY A 163 -2.24 23.90 -11.44
CA GLY A 163 -1.00 23.86 -10.70
C GLY A 163 -1.09 23.04 -9.42
N MSE A 164 -2.27 22.59 -9.06
CA MSE A 164 -2.44 21.87 -7.79
C MSE A 164 -1.96 20.45 -7.92
O MSE A 164 -2.24 19.79 -8.91
CB MSE A 164 -3.90 21.89 -7.37
CG MSE A 164 -4.17 21.38 -5.98
SE MSE A 164 -6.00 21.89 -5.45
CE MSE A 164 -5.80 23.77 -5.20
H MSE A 164 -2.99 22.69 -9.52
HA MSE A 164 -1.92 22.32 -7.09
HB2 MSE A 164 -4.23 22.79 -7.41
HB3 MSE A 164 -4.40 21.32 -7.98
HG2 MSE A 164 -4.11 20.41 -5.96
HG3 MSE A 164 -3.55 21.77 -5.36
HE1 MSE A 164 -6.65 24.13 -4.94
HE2 MSE A 164 -5.15 23.93 -4.52
HE3 MSE A 164 -5.51 24.17 -6.02
N LYS A 165 -1.29 19.95 -6.88
CA LYS A 165 -0.86 18.56 -6.86
C LYS A 165 -1.93 17.74 -6.15
N VAL A 166 -2.61 16.89 -6.92
CA VAL A 166 -3.79 16.19 -6.43
C VAL A 166 -3.55 14.69 -6.52
N ARG A 167 -3.75 14.00 -5.41
CA ARG A 167 -3.69 12.54 -5.42
C ARG A 167 -4.98 12.01 -6.05
N VAL A 168 -4.82 10.96 -6.85
CA VAL A 168 -5.97 10.24 -7.40
C VAL A 168 -5.81 8.74 -7.11
N MSE A 169 -6.90 8.01 -7.26
CA MSE A 169 -6.89 6.55 -7.23
C MSE A 169 -6.18 6.00 -8.47
O MSE A 169 -5.90 6.71 -9.42
CB MSE A 169 -8.31 6.00 -7.24
CG MSE A 169 -9.07 6.19 -6.02
SE MSE A 169 -10.73 5.18 -6.15
CE MSE A 169 -11.89 6.45 -7.04
H MSE A 169 -7.68 8.34 -7.39
HA MSE A 169 -6.43 6.24 -6.42
HB2 MSE A 169 -8.80 6.43 -7.96
HB3 MSE A 169 -8.28 5.04 -7.42
HG2 MSE A 169 -8.56 5.87 -5.27
HG3 MSE A 169 -9.28 7.13 -5.91
HE1 MSE A 169 -12.76 6.05 -7.16
HE2 MSE A 169 -11.97 7.23 -6.50
HE3 MSE A 169 -11.52 6.66 -7.89
N ASN A 170 -5.95 4.68 -8.43
CA ASN A 170 -5.29 4.01 -9.54
C ASN A 170 -6.22 3.68 -10.71
N ASN A 171 -6.58 4.71 -11.46
CA ASN A 171 -7.27 4.56 -12.74
C ASN A 171 -6.83 5.73 -13.60
N ASP A 172 -6.35 5.45 -14.80
CA ASP A 172 -5.87 6.49 -15.72
C ASP A 172 -6.91 7.57 -16.04
N LEU A 173 -8.19 7.21 -15.95
N LEU A 173 -8.20 7.21 -15.97
CA LEU A 173 -9.27 8.17 -16.14
CA LEU A 173 -9.26 8.17 -16.15
C LEU A 173 -9.11 9.36 -15.19
C LEU A 173 -9.13 9.35 -15.19
N PHE A 174 -8.70 9.09 -13.95
CA PHE A 174 -8.59 10.14 -12.95
C PHE A 174 -7.40 11.07 -13.20
N VAL A 175 -6.34 10.53 -13.78
CA VAL A 175 -5.22 11.36 -14.19
C VAL A 175 -5.73 12.36 -15.24
N GLY A 176 -6.48 11.87 -16.22
CA GLY A 176 -7.03 12.71 -17.26
C GLY A 176 -7.96 13.78 -16.71
N MSE A 177 -8.73 13.43 -15.70
CA MSE A 177 -9.65 14.37 -15.07
C MSE A 177 -8.91 15.56 -14.47
O MSE A 177 -9.29 16.71 -14.68
CB MSE A 177 -10.43 13.62 -13.99
CG MSE A 177 -11.20 14.47 -13.02
SE MSE A 177 -12.19 13.25 -11.83
CE MSE A 177 -12.65 12.03 -13.21
H MSE A 177 -8.75 12.64 -15.36
HA MSE A 177 -10.29 14.69 -15.73
HB2 MSE A 177 -11.07 13.03 -14.42
HB3 MSE A 177 -9.80 13.08 -13.47
HG2 MSE A 177 -10.59 15.00 -12.49
HG3 MSE A 177 -11.83 15.03 -13.49
HE1 MSE A 177 -13.16 11.31 -12.83
HE2 MSE A 177 -13.17 12.49 -13.88
HE3 MSE A 177 -11.85 11.68 -13.61
N ILE A 178 -7.85 15.29 -13.72
CA ILE A 178 -7.08 16.34 -13.07
C ILE A 178 -6.33 17.16 -14.12
N GLU A 179 -5.73 16.50 -15.10
CA GLU A 179 -4.98 17.20 -16.14
C GLU A 179 -5.89 18.12 -16.96
N SER A 180 -7.13 17.71 -17.17
CA SER A 180 -8.06 18.50 -17.96
C SER A 180 -8.37 19.82 -17.26
N MSE A 181 -8.09 19.89 -15.95
CA MSE A 181 -8.26 21.18 -15.24
C MSE A 181 -6.93 21.82 -14.91
O MSE A 181 -6.88 22.80 -14.16
CB MSE A 181 -9.08 20.97 -13.99
CG MSE A 181 -10.50 20.54 -14.31
SE MSE A 181 -11.52 20.31 -12.69
CE MSE A 181 -10.68 18.80 -12.01
H MSE A 181 -7.82 19.24 -15.46
HA MSE A 181 -8.76 21.78 -15.82
HB2 MSE A 181 -8.67 20.28 -13.45
HB3 MSE A 181 -9.11 21.80 -13.49
HG2 MSE A 181 -10.93 21.22 -14.84
HG3 MSE A 181 -10.49 19.70 -14.77
HE1 MSE A 181 -11.11 18.56 -11.18
HE2 MSE A 181 -10.78 18.07 -12.64
HE3 MSE A 181 -9.76 18.99 -11.86
N GLY A 182 -5.86 21.29 -15.48
CA GLY A 182 -4.55 21.89 -15.34
C GLY A 182 -3.83 21.49 -14.05
N GLY A 183 -4.34 20.49 -13.35
CA GLY A 183 -3.70 20.00 -12.15
C GLY A 183 -2.63 18.97 -12.46
N ASN A 184 -1.89 18.60 -11.43
N ASN A 184 -1.90 18.58 -11.43
CA ASN A 184 -0.85 17.57 -11.50
CA ASN A 184 -0.89 17.55 -11.58
C ASN A 184 -1.37 16.38 -10.71
C ASN A 184 -1.28 16.36 -10.72
N ALA A 185 -1.60 15.25 -11.39
CA ALA A 185 -2.13 14.06 -10.73
C ALA A 185 -1.07 13.07 -10.32
N THR A 186 -1.24 12.48 -9.14
CA THR A 186 -0.35 11.43 -8.70
C THR A 186 -1.22 10.28 -8.20
N PRO A 187 -1.20 9.13 -8.92
CA PRO A 187 -1.88 7.93 -8.46
C PRO A 187 -1.17 7.44 -7.20
N MSE A 188 -1.92 7.18 -6.13
CA MSE A 188 -1.33 6.77 -4.86
C MSE A 188 -2.34 5.93 -4.09
O MSE A 188 -3.53 6.26 -4.03
CB MSE A 188 -0.94 7.98 -4.02
CG MSE A 188 -0.27 7.68 -2.70
SE MSE A 188 0.07 9.36 -1.74
CE MSE A 188 0.48 10.36 -3.23
H MSE A 188 -2.78 7.25 -6.11
HA MSE A 188 -0.52 6.23 -5.03
HB2 MSE A 188 -0.33 8.53 -4.55
HB3 MSE A 188 -1.75 8.49 -3.84
HG2 MSE A 188 -0.86 7.13 -2.16
HG3 MSE A 188 0.57 7.23 -2.86
HE1 MSE A 188 0.69 11.26 -2.96
HE2 MSE A 188 1.24 9.98 -3.67
HE3 MSE A 188 -0.28 10.37 -3.82
N ALA A 189 -1.86 4.85 -3.49
CA ALA A 189 -2.72 4.07 -2.58
C ALA A 189 -3.34 4.91 -1.48
N PHE A 190 -4.59 4.60 -1.16
CA PHE A 190 -5.39 5.36 -0.19
C PHE A 190 -4.68 5.52 1.16
N ALA A 191 -4.02 4.47 1.65
CA ALA A 191 -3.42 4.48 2.97
C ALA A 191 -2.26 5.47 3.08
N GLU A 192 -1.69 5.89 1.95
CA GLU A 192 -0.53 6.79 1.96
C GLU A 192 -0.92 8.26 1.87
N VAL A 193 -2.19 8.52 1.63
CA VAL A 193 -2.62 9.89 1.36
C VAL A 193 -2.43 10.82 2.57
N TYR A 194 -2.79 10.38 3.77
CA TYR A 194 -2.72 11.25 4.93
C TYR A 194 -1.33 11.84 5.11
N GLN A 195 -0.32 10.99 5.07
CA GLN A 195 1.04 11.48 5.26
C GLN A 195 1.48 12.42 4.15
N SER A 196 1.05 12.14 2.93
CA SER A 196 1.42 12.98 1.81
C SER A 196 0.78 14.35 1.88
N ILE A 197 -0.47 14.41 2.34
CA ILE A 197 -1.08 15.73 2.56
C ILE A 197 -0.45 16.41 3.79
N LYS A 198 -0.28 15.67 4.88
CA LYS A 198 0.28 16.25 6.10
C LYS A 198 1.65 16.89 5.87
N THR A 199 2.50 16.21 5.10
CA THR A 199 3.87 16.68 4.93
C THR A 199 4.00 17.63 3.75
N GLY A 200 2.88 17.92 3.11
CA GLY A 200 2.81 18.98 2.13
C GLY A 200 3.27 18.58 0.73
N VAL A 201 3.42 17.30 0.48
CA VAL A 201 3.93 16.94 -0.84
C VAL A 201 2.80 16.79 -1.88
N VAL A 202 1.57 16.50 -1.43
CA VAL A 202 0.42 16.71 -2.31
C VAL A 202 -0.44 17.76 -1.64
N ASP A 203 -1.09 18.58 -2.45
CA ASP A 203 -1.94 19.65 -1.94
C ASP A 203 -3.30 19.13 -1.47
N GLY A 204 -3.74 18.02 -2.05
CA GLY A 204 -5.06 17.52 -1.75
C GLY A 204 -5.40 16.27 -2.51
N ALA A 205 -6.69 15.96 -2.46
CA ALA A 205 -7.22 14.74 -3.01
C ALA A 205 -8.72 14.94 -3.20
N GLU A 206 -9.47 13.87 -3.42
CA GLU A 206 -10.92 14.00 -3.57
C GLU A 206 -11.58 12.74 -3.04
N ASN A 207 -12.70 12.92 -2.35
CA ASN A 207 -13.41 11.81 -1.76
C ASN A 207 -14.73 12.25 -1.17
N ASN A 208 -15.52 11.26 -0.74
CA ASN A 208 -16.79 11.51 -0.07
C ASN A 208 -16.54 11.92 1.38
N PRO A 209 -17.59 12.43 2.04
CA PRO A 209 -17.32 13.01 3.35
C PRO A 209 -16.86 11.98 4.41
N PRO A 210 -17.45 10.78 4.42
CA PRO A 210 -16.95 9.82 5.42
C PRO A 210 -15.48 9.40 5.24
N SER A 211 -15.03 9.30 4.00
CA SER A 211 -13.62 8.98 3.74
C SER A 211 -12.70 10.12 4.17
N TYR A 212 -13.08 11.34 3.79
CA TYR A 212 -12.32 12.56 4.13
C TYR A 212 -12.20 12.71 5.64
N GLU A 213 -13.28 12.40 6.35
CA GLU A 213 -13.31 12.48 7.81
C GLU A 213 -12.61 11.31 8.52
N SER A 214 -12.96 10.07 8.15
CA SER A 214 -12.52 8.91 8.90
C SER A 214 -11.02 8.70 8.85
N THR A 215 -10.40 9.20 7.78
CA THR A 215 -8.97 9.08 7.55
C THR A 215 -8.17 10.23 8.17
N SER A 216 -8.88 11.18 8.75
CA SER A 216 -8.28 12.40 9.26
C SER A 216 -7.72 13.32 8.17
N HIS A 217 -8.02 13.07 6.91
CA HIS A 217 -7.57 13.98 5.86
C HIS A 217 -8.06 15.39 6.16
N PHE A 218 -9.25 15.51 6.78
CA PHE A 218 -9.82 16.82 7.04
C PHE A 218 -9.03 17.62 8.04
N GLU A 219 -8.16 16.96 8.80
CA GLU A 219 -7.31 17.67 9.75
C GLU A 219 -6.11 18.31 9.08
N VAL A 220 -5.77 17.85 7.89
CA VAL A 220 -4.57 18.35 7.19
C VAL A 220 -4.89 19.04 5.86
N ALA A 221 -6.15 18.95 5.41
CA ALA A 221 -6.59 19.65 4.20
C ALA A 221 -7.93 20.29 4.55
N LYS A 222 -7.88 21.57 4.91
CA LYS A 222 -9.02 22.23 5.55
C LYS A 222 -9.98 22.94 4.60
N TYR A 223 -9.80 22.80 3.29
CA TYR A 223 -10.78 23.30 2.33
C TYR A 223 -11.46 22.12 1.66
N TYR A 224 -12.79 22.08 1.72
CA TYR A 224 -13.56 21.00 1.08
C TYR A 224 -14.56 21.68 0.16
N SER A 225 -14.46 21.36 -1.13
CA SER A 225 -15.22 22.04 -2.16
C SER A 225 -16.10 20.98 -2.83
N LEU A 226 -17.41 21.16 -2.71
CA LEU A 226 -18.37 20.11 -3.04
C LEU A 226 -18.70 20.01 -4.54
N THR A 227 -17.66 19.65 -5.30
CA THR A 227 -17.78 19.43 -6.73
C THR A 227 -18.61 18.22 -7.08
N GLN A 228 -18.59 17.21 -6.22
CA GLN A 228 -19.40 16.01 -6.43
C GLN A 228 -19.21 15.46 -7.83
N HIS A 229 -17.95 15.36 -8.25
CA HIS A 229 -17.62 15.16 -9.66
C HIS A 229 -17.59 13.67 -10.04
N LEU A 230 -17.62 12.78 -9.04
CA LEU A 230 -17.61 11.35 -9.32
C LEU A 230 -18.58 10.71 -8.32
N ILE A 231 -19.30 9.71 -8.81
CA ILE A 231 -20.15 8.87 -7.97
C ILE A 231 -19.76 7.45 -8.36
N ILE A 232 -19.03 6.79 -7.47
CA ILE A 232 -18.40 5.52 -7.81
C ILE A 232 -18.96 4.43 -6.91
N PRO A 233 -19.77 3.54 -7.49
CA PRO A 233 -20.32 2.45 -6.67
C PRO A 233 -19.25 1.52 -6.18
N GLU A 234 -19.55 0.79 -5.11
CA GLU A 234 -18.64 -0.22 -4.61
C GLU A 234 -19.36 -1.55 -4.69
N CYS A 235 -18.59 -2.61 -4.78
CA CYS A 235 -19.17 -3.92 -4.97
C CYS A 235 -18.74 -4.85 -3.86
N LEU A 236 -19.73 -5.36 -3.14
CA LEU A 236 -19.53 -6.48 -2.24
C LEU A 236 -19.45 -7.69 -3.15
N CYS A 237 -18.31 -8.36 -3.14
CA CYS A 237 -18.16 -9.48 -4.06
C CYS A 237 -17.35 -10.59 -3.49
N MSE A 238 -17.44 -11.71 -4.19
CA MSE A 238 -16.77 -12.92 -3.79
C MSE A 238 -15.88 -13.36 -4.90
O MSE A 238 -16.16 -13.14 -6.08
CB MSE A 238 -17.82 -13.98 -3.53
CG MSE A 238 -17.28 -15.29 -3.07
SE MSE A 238 -18.61 -16.16 -1.95
CE MSE A 238 -18.67 -14.80 -0.73
H MSE A 238 -17.89 -11.78 -4.91
HA MSE A 238 -16.25 -12.76 -2.97
HB2 MSE A 238 -18.43 -13.66 -2.84
HB3 MSE A 238 -18.31 -14.14 -4.35
HG2 MSE A 238 -17.10 -15.86 -3.83
HG3 MSE A 238 -16.48 -15.15 -2.55
HE1 MSE A 238 -19.30 -15.02 -0.04
HE2 MSE A 238 -17.79 -14.68 -0.36
HE3 MSE A 238 -18.94 -14.00 -1.18
N SER A 239 -14.77 -14.00 -4.55
CA SER A 239 -14.02 -14.73 -5.54
C SER A 239 -14.89 -15.77 -6.21
N LYS A 240 -14.93 -15.78 -7.54
CA LYS A 240 -15.70 -16.81 -8.22
C LYS A 240 -15.18 -18.22 -7.89
N LYS A 241 -13.86 -18.35 -7.70
N LYS A 241 -13.87 -18.36 -7.72
CA LYS A 241 -13.31 -19.64 -7.31
CA LYS A 241 -13.34 -19.66 -7.32
C LYS A 241 -13.94 -20.11 -6.01
C LYS A 241 -13.96 -20.11 -6.00
N THR A 242 -14.02 -19.21 -5.02
CA THR A 242 -14.61 -19.58 -3.74
C THR A 242 -16.10 -19.85 -3.89
N PHE A 243 -16.77 -18.99 -4.63
CA PHE A 243 -18.23 -19.12 -4.78
C PHE A 243 -18.61 -20.42 -5.49
N ASP A 244 -17.85 -20.78 -6.53
CA ASP A 244 -18.13 -21.97 -7.30
C ASP A 244 -17.91 -23.24 -6.47
N GLY A 245 -17.15 -23.15 -5.39
CA GLY A 245 -16.90 -24.32 -4.54
C GLY A 245 -17.96 -24.51 -3.46
N LEU A 246 -18.94 -23.61 -3.40
CA LEU A 246 -19.99 -23.70 -2.40
C LEU A 246 -21.13 -24.60 -2.86
N THR A 247 -21.81 -25.20 -1.90
CA THR A 247 -23.02 -25.97 -2.22
C THR A 247 -24.10 -25.01 -2.72
N PRO A 248 -25.06 -25.53 -3.50
CA PRO A 248 -26.15 -24.67 -3.97
C PRO A 248 -26.87 -23.92 -2.85
N GLU A 249 -27.11 -24.60 -1.73
CA GLU A 249 -27.76 -23.96 -0.58
C GLU A 249 -26.86 -22.86 -0.01
N GLN A 250 -25.56 -23.10 -0.01
CA GLN A 250 -24.64 -22.08 0.48
C GLN A 250 -24.62 -20.88 -0.45
N GLN A 251 -24.68 -21.12 -1.76
CA GLN A 251 -24.69 -20.01 -2.72
C GLN A 251 -25.91 -19.14 -2.50
N GLU A 252 -27.06 -19.76 -2.25
CA GLU A 252 -28.27 -18.98 -2.03
C GLU A 252 -28.19 -18.19 -0.73
N ILE A 253 -27.62 -18.78 0.31
CA ILE A 253 -27.41 -18.10 1.57
C ILE A 253 -26.50 -16.88 1.36
N VAL A 254 -25.45 -17.06 0.57
CA VAL A 254 -24.51 -15.96 0.33
C VAL A 254 -25.17 -14.82 -0.43
N LYS A 255 -25.95 -15.14 -1.45
CA LYS A 255 -26.62 -14.11 -2.22
C LYS A 255 -27.63 -13.35 -1.37
N THR A 256 -28.36 -14.05 -0.50
CA THR A 256 -29.35 -13.40 0.36
C THR A 256 -28.65 -12.51 1.38
N ALA A 257 -27.59 -13.03 1.99
CA ALA A 257 -26.84 -12.26 2.95
C ALA A 257 -26.20 -11.04 2.31
N GLY A 258 -25.77 -11.18 1.07
CA GLY A 258 -25.18 -10.05 0.35
C GLY A 258 -26.21 -8.95 0.14
N LYS A 259 -27.41 -9.35 -0.26
CA LYS A 259 -28.48 -8.36 -0.49
C LYS A 259 -28.87 -7.69 0.82
N ASN A 260 -29.03 -8.45 1.89
CA ASN A 260 -29.37 -7.87 3.17
C ASN A 260 -28.30 -6.90 3.65
N SER A 261 -27.03 -7.24 3.42
CA SER A 261 -25.93 -6.41 3.91
C SER A 261 -25.83 -5.12 3.10
N THR A 262 -26.25 -5.17 1.84
CA THR A 262 -26.28 -3.99 0.98
C THR A 262 -27.37 -3.04 1.45
N ASP A 263 -28.52 -3.58 1.79
CA ASP A 263 -29.60 -2.77 2.34
C ASP A 263 -29.14 -2.07 3.62
N LEU A 264 -28.46 -2.83 4.47
CA LEU A 264 -27.95 -2.28 5.73
C LEU A 264 -26.90 -1.20 5.46
N GLN A 265 -25.94 -1.48 4.60
CA GLN A 265 -24.86 -0.52 4.37
C GLN A 265 -25.42 0.77 3.84
N ARG A 266 -26.39 0.70 2.93
CA ARG A 266 -26.94 1.90 2.33
C ARG A 266 -27.65 2.76 3.38
N LYS A 267 -28.31 2.11 4.33
CA LYS A 267 -28.99 2.82 5.41
C LYS A 267 -27.94 3.48 6.30
N LEU A 268 -26.88 2.75 6.63
CA LEU A 268 -25.82 3.30 7.47
C LEU A 268 -25.11 4.43 6.76
N TRP A 269 -24.95 4.31 5.45
CA TRP A 269 -24.25 5.34 4.67
C TRP A 269 -24.93 6.71 4.80
N GLY A 270 -26.25 6.77 4.63
CA GLY A 270 -26.95 8.04 4.75
C GLY A 270 -26.68 8.75 6.08
N GLU A 271 -26.80 7.97 7.16
CA GLU A 271 -26.56 8.47 8.51
C GLU A 271 -25.11 8.96 8.66
N ARG A 272 -24.15 8.17 8.19
CA ARG A 272 -22.74 8.53 8.31
C ARG A 272 -22.33 9.73 7.47
N GLU A 273 -22.89 9.87 6.28
CA GLU A 273 -22.56 11.03 5.45
C GLU A 273 -22.83 12.33 6.18
N ALA A 274 -24.02 12.44 6.79
CA ALA A 274 -24.36 13.62 7.58
C ALA A 274 -23.49 13.76 8.82
N ALA A 275 -23.23 12.66 9.51
CA ALA A 275 -22.45 12.70 10.74
C ALA A 275 -21.02 13.15 10.44
N SER A 276 -20.47 12.68 9.33
CA SER A 276 -19.12 13.07 8.95
C SER A 276 -19.09 14.56 8.55
N MSE A 277 -20.08 15.02 7.79
CA MSE A 277 -20.19 16.44 7.47
C MSE A 277 -20.21 17.29 8.74
O MSE A 277 -19.56 18.33 8.80
CB MSE A 277 -21.43 16.73 6.64
CG MSE A 277 -21.33 16.30 5.19
SE MSE A 277 -19.95 17.27 4.15
CE MSE A 277 -19.83 18.77 5.09
H MSE A 277 -20.70 14.54 7.45
HA MSE A 277 -19.40 16.70 6.94
HB2 MSE A 277 -22.18 16.26 7.03
HB3 MSE A 277 -21.60 17.68 6.65
HG2 MSE A 277 -21.12 15.35 5.16
HG3 MSE A 277 -22.19 16.46 4.77
HE1 MSE A 277 -19.17 19.34 4.68
HE2 MSE A 277 -20.68 19.21 5.10
HE3 MSE A 277 -19.55 18.54 5.98
N LYS A 278 -20.97 16.86 9.73
CA LYS A 278 -21.00 17.60 11.01
C LYS A 278 -19.62 17.66 11.67
N ILE A 279 -18.92 16.54 11.69
CA ILE A 279 -17.56 16.48 12.27
C ILE A 279 -16.62 17.42 11.52
N ILE A 280 -16.71 17.40 10.20
CA ILE A 280 -15.87 18.22 9.32
C ILE A 280 -16.11 19.68 9.63
N MSE A 281 -17.38 20.07 9.72
CA MSE A 281 -17.69 21.48 9.94
C MSE A 281 -17.30 21.90 11.35
O MSE A 281 -16.76 23.00 11.55
CB MSE A 281 -19.16 21.75 9.64
CG MSE A 281 -19.49 21.55 8.16
SE MSE A 281 -21.32 21.99 7.71
CE MSE A 281 -22.20 20.58 8.67
H MSE A 281 -18.06 19.55 9.65
HA MSE A 281 -17.16 22.01 9.30
HB2 MSE A 281 -19.71 21.15 10.16
HB3 MSE A 281 -19.36 22.67 9.87
HG2 MSE A 281 -18.91 22.11 7.62
HG3 MSE A 281 -19.33 20.61 7.93
HE1 MSE A 281 -23.16 20.67 8.54
HE2 MSE A 281 -21.90 19.73 8.33
HE3 MSE A 281 -21.99 20.67 9.60
N ASP A 282 -17.54 21.03 12.32
CA ASP A 282 -17.20 21.34 13.72
C ASP A 282 -15.68 21.37 13.91
N GLY A 283 -14.94 20.75 13.00
CA GLY A 283 -13.49 20.70 13.05
C GLY A 283 -12.80 21.86 12.35
N GLY A 284 -13.58 22.82 11.88
CA GLY A 284 -13.04 24.05 11.32
C GLY A 284 -12.77 24.05 9.83
N VAL A 285 -13.17 22.99 9.14
CA VAL A 285 -13.00 22.95 7.70
C VAL A 285 -13.87 24.04 7.07
N GLU A 286 -13.32 24.69 6.06
CA GLU A 286 -14.07 25.63 5.26
C GLU A 286 -14.70 24.85 4.11
N VAL A 287 -16.02 24.70 4.18
CA VAL A 287 -16.76 23.99 3.15
C VAL A 287 -17.39 24.99 2.20
N ASN A 288 -17.20 24.80 0.90
CA ASN A 288 -17.92 25.60 -0.08
C ASN A 288 -18.69 24.73 -1.08
N GLU A 289 -19.85 25.21 -1.46
CA GLU A 289 -20.65 24.57 -2.50
C GLU A 289 -20.24 25.14 -3.84
N ILE A 290 -20.65 24.44 -4.90
CA ILE A 290 -20.38 24.90 -6.25
C ILE A 290 -21.65 25.45 -6.86
N ALA A 291 -21.64 26.75 -7.09
CA ALA A 291 -22.68 27.42 -7.84
C ALA A 291 -22.63 27.00 -9.31
N ASP A 292 -21.50 27.27 -9.97
CA ASP A 292 -21.41 27.01 -11.42
C ASP A 292 -20.97 25.57 -11.72
N LYS A 293 -21.89 24.61 -11.61
CA LYS A 293 -21.53 23.21 -11.86
C LYS A 293 -21.19 22.92 -13.34
N SER A 294 -21.84 23.69 -14.21
CA SER A 294 -21.68 23.56 -15.65
C SER A 294 -20.22 23.67 -16.08
N ALA A 295 -19.46 24.55 -15.43
CA ALA A 295 -18.06 24.74 -15.81
C ALA A 295 -17.24 23.48 -15.53
N PHE A 296 -17.48 22.80 -14.42
CA PHE A 296 -16.78 21.56 -14.16
C PHE A 296 -17.18 20.48 -15.13
N GLN A 297 -18.47 20.41 -15.44
CA GLN A 297 -18.95 19.42 -16.40
C GLN A 297 -18.30 19.64 -17.76
N GLU A 298 -18.25 20.89 -18.21
CA GLU A 298 -17.66 21.20 -19.51
C GLU A 298 -16.18 20.86 -19.52
N ALA A 299 -15.51 21.09 -18.41
CA ALA A 299 -14.08 20.85 -18.31
C ALA A 299 -13.77 19.37 -18.46
N MSE A 300 -14.76 18.50 -18.20
CA MSE A 300 -14.59 17.05 -18.30
C MSE A 300 -14.90 16.43 -19.63
O MSE A 300 -14.74 15.22 -19.77
CB MSE A 300 -15.48 16.33 -17.30
CG MSE A 300 -15.22 16.70 -15.91
SE MSE A 300 -13.47 16.17 -15.32
CE MSE A 300 -14.04 16.48 -13.46
HA MSE A 300 -13.65 16.84 -18.07
HB2 MSE A 300 -16.41 16.55 -17.49
HB3 MSE A 300 -15.34 15.38 -17.38
HG2 MSE A 300 -15.29 17.66 -15.81
HG3 MSE A 300 -15.87 16.26 -15.33
HE1 MSE A 300 -14.78 15.91 -13.26
HE2 MSE A 300 -13.31 16.28 -12.88
HE3 MSE A 300 -14.29 17.39 -13.36
N VAL A 301 -15.35 17.20 -20.60
CA VAL A 301 -15.65 16.63 -21.90
C VAL A 301 -14.46 15.80 -22.44
N PRO A 302 -13.22 16.30 -22.27
CA PRO A 302 -12.10 15.57 -22.88
C PRO A 302 -11.86 14.17 -22.30
N VAL A 303 -12.23 13.96 -21.05
CA VAL A 303 -12.09 12.65 -20.41
C VAL A 303 -12.98 11.64 -21.15
N TYR A 304 -14.20 12.05 -21.48
CA TYR A 304 -15.11 11.19 -22.24
C TYR A 304 -14.57 10.95 -23.65
N GLU A 305 -14.12 12.02 -24.30
CA GLU A 305 -13.61 11.90 -25.65
C GLU A 305 -12.45 10.93 -25.69
N LYS A 306 -11.56 11.03 -24.71
CA LYS A 306 -10.38 10.20 -24.65
C LYS A 306 -10.74 8.74 -24.41
N TYR A 307 -11.56 8.53 -23.41
CA TYR A 307 -11.95 7.17 -23.07
C TYR A 307 -12.54 6.46 -24.29
N LEU A 308 -13.47 7.13 -24.96
CA LEU A 308 -14.15 6.49 -26.07
C LEU A 308 -13.28 6.39 -27.33
N ALA A 309 -12.26 7.24 -27.43
CA ALA A 309 -11.32 7.12 -28.54
C ALA A 309 -10.41 5.90 -28.35
N ALA A 310 -9.99 5.64 -27.11
CA ALA A 310 -9.13 4.49 -26.81
C ALA A 310 -9.94 3.19 -26.76
N ASN A 311 -11.25 3.32 -26.50
CA ASN A 311 -12.11 2.15 -26.27
C ASN A 311 -13.48 2.27 -26.92
N PRO A 312 -13.52 2.34 -28.26
CA PRO A 312 -14.74 2.55 -29.05
C PRO A 312 -15.84 1.53 -28.76
N GLU A 313 -15.42 0.30 -28.47
CA GLU A 313 -16.35 -0.78 -28.21
C GLU A 313 -17.22 -0.50 -26.97
N MSE A 314 -16.77 0.40 -26.10
CA MSE A 314 -17.51 0.69 -24.87
C MSE A 314 -18.62 1.74 -25.07
O MSE A 314 -19.32 2.07 -24.11
CB MSE A 314 -16.59 1.18 -23.77
CG MSE A 314 -15.57 0.17 -23.31
SE MSE A 314 -16.38 -1.46 -22.63
CE MSE A 314 -18.04 -0.72 -21.99
H MSE A 314 -16.04 0.86 -26.19
HA MSE A 314 -17.94 -0.13 -24.57
HB2 MSE A 314 -16.11 1.96 -24.08
HB3 MSE A 314 -17.13 1.42 -22.99
HG2 MSE A 314 -14.99 -0.07 -24.06
HG3 MSE A 314 -15.03 0.56 -22.59
HE1 MSE A 314 -18.57 -1.44 -21.62
HE2 MSE A 314 -17.86 -0.07 -21.31
HE3 MSE A 314 -18.51 -0.33 -22.72
N THR A 315 -18.73 2.28 -26.28
CA THR A 315 -19.62 3.40 -26.52
C THR A 315 -21.04 3.09 -26.09
N ASP A 316 -21.55 1.93 -26.49
CA ASP A 316 -22.92 1.56 -26.15
C ASP A 316 -23.13 1.52 -24.63
N LEU A 317 -22.20 0.93 -23.92
CA LEU A 317 -22.31 0.83 -22.47
C LEU A 317 -22.26 2.20 -21.80
N VAL A 318 -21.38 3.08 -22.28
CA VAL A 318 -21.29 4.42 -21.70
C VAL A 318 -22.62 5.15 -21.87
N ASN A 319 -23.23 5.02 -23.03
CA ASN A 319 -24.51 5.70 -23.28
C ASN A 319 -25.65 5.12 -22.44
N LEU A 320 -25.58 3.82 -22.18
CA LEU A 320 -26.51 3.19 -21.26
C LEU A 320 -26.53 3.96 -19.93
N PHE A 321 -25.38 4.45 -19.48
CA PHE A 321 -25.31 5.20 -18.24
C PHE A 321 -25.58 6.69 -18.43
N ARG A 322 -24.78 7.35 -19.26
CA ARG A 322 -24.80 8.81 -19.30
C ARG A 322 -26.10 9.37 -19.90
N ASN A 323 -26.82 8.56 -20.68
CA ASN A 323 -28.07 9.00 -21.28
C ASN A 323 -29.31 8.46 -20.57
N ALA A 324 -29.11 7.85 -19.39
CA ALA A 324 -30.25 7.32 -18.65
C ALA A 324 -31.17 8.46 -18.22
N LYS B 24 0.61 -29.10 4.58
CA LYS B 24 0.46 -27.66 4.84
C LYS B 24 0.76 -26.86 3.57
N ASP B 25 0.11 -25.69 3.44
CA ASP B 25 0.33 -24.78 2.30
C ASP B 25 0.57 -23.32 2.69
N TRP B 26 1.83 -22.95 2.60
CA TRP B 26 2.29 -21.69 3.17
C TRP B 26 2.24 -20.55 2.18
N ARG B 27 2.06 -19.34 2.70
CA ARG B 27 2.21 -18.15 1.90
C ARG B 27 3.37 -17.33 2.43
N GLY B 28 4.24 -16.87 1.52
CA GLY B 28 5.39 -16.07 1.86
C GLY B 28 5.31 -14.70 1.21
N TRP B 29 5.76 -13.68 1.93
CA TRP B 29 5.69 -12.30 1.47
C TRP B 29 7.04 -11.79 1.02
N ASN B 30 7.05 -11.12 -0.12
CA ASN B 30 8.24 -10.44 -0.63
C ASN B 30 7.79 -9.13 -1.25
N ILE B 31 8.51 -8.05 -0.97
CA ILE B 31 8.19 -6.74 -1.52
C ILE B 31 8.78 -6.54 -2.92
N HIS B 32 9.80 -7.35 -3.26
CA HIS B 32 10.58 -7.15 -4.47
C HIS B 32 10.04 -7.82 -5.70
N VAL B 33 10.54 -7.35 -6.84
CA VAL B 33 10.26 -7.98 -8.11
C VAL B 33 10.79 -9.41 -8.07
N GLU B 34 10.24 -10.27 -8.91
CA GLU B 34 10.57 -11.68 -8.88
C GLU B 34 12.05 -11.93 -9.16
N ASP B 35 12.66 -11.16 -10.06
CA ASP B 35 14.09 -11.32 -10.32
C ASP B 35 14.88 -10.36 -9.44
N TYR B 36 15.14 -10.81 -8.22
CA TYR B 36 15.84 -10.04 -7.19
C TYR B 36 16.44 -11.03 -6.18
N PRO B 37 17.59 -10.71 -5.54
CA PRO B 37 18.27 -11.70 -4.67
C PRO B 37 17.41 -12.24 -3.53
N VAL B 38 16.67 -11.34 -2.90
CA VAL B 38 15.73 -11.75 -1.86
C VAL B 38 14.73 -12.79 -2.39
N SER B 39 14.19 -12.53 -3.56
CA SER B 39 13.20 -13.41 -4.18
C SER B 39 13.78 -14.80 -4.39
N HIS B 40 15.00 -14.86 -4.91
CA HIS B 40 15.62 -16.15 -5.16
C HIS B 40 15.97 -16.87 -3.86
N GLY B 41 16.41 -16.14 -2.84
CA GLY B 41 16.63 -16.77 -1.55
C GLY B 41 15.36 -17.39 -0.96
N MSE B 42 14.25 -16.66 -1.04
CA MSE B 42 13.00 -17.15 -0.51
C MSE B 42 12.51 -18.37 -1.26
O MSE B 42 12.00 -19.32 -0.66
CB MSE B 42 11.93 -16.04 -0.60
CG MSE B 42 12.26 -14.89 0.32
SE MSE B 42 10.80 -13.64 0.47
CE MSE B 42 9.54 -14.84 1.35
H MSE B 42 14.21 -15.88 -1.41
HA MSE B 42 13.12 -17.38 0.43
HB2 MSE B 42 11.90 -15.70 -1.51
HB3 MSE B 42 11.07 -16.39 -0.34
HG2 MSE B 42 12.46 -15.23 1.20
HG3 MSE B 42 13.03 -14.40 -0.04
HE1 MSE B 42 8.73 -14.36 1.51
HE2 MSE B 42 9.38 -15.58 0.78
HE3 MSE B 42 9.92 -15.13 2.18
N GLU B 43 12.63 -18.35 -2.59
CA GLU B 43 12.22 -19.50 -3.38
C GLU B 43 13.09 -20.71 -3.09
N ALA B 44 14.39 -20.48 -2.86
CA ALA B 44 15.28 -21.59 -2.51
C ALA B 44 14.92 -22.16 -1.14
N PHE B 45 14.58 -21.29 -0.19
CA PHE B 45 14.10 -21.73 1.12
C PHE B 45 12.89 -22.64 0.99
N MSE B 46 11.88 -22.17 0.27
CA MSE B 46 10.63 -22.92 0.14
C MSE B 46 10.88 -24.26 -0.55
O MSE B 46 10.38 -25.31 -0.12
CB MSE B 46 9.59 -22.07 -0.60
CG MSE B 46 8.16 -22.62 -0.47
SE MSE B 46 7.49 -22.68 1.38
CE MSE B 46 7.52 -24.55 1.67
H MSE B 46 11.89 -21.42 -0.16
HA MSE B 46 10.29 -23.10 1.04
HB2 MSE B 46 9.60 -21.17 -0.22
HB3 MSE B 46 9.82 -22.04 -1.54
HG2 MSE B 46 7.57 -22.06 -0.98
HG3 MSE B 46 8.15 -23.52 -0.82
HE1 MSE B 46 7.21 -24.74 2.56
HE2 MSE B 46 6.95 -24.98 1.03
HE3 MSE B 46 8.42 -24.87 1.57
N GLU B 47 11.65 -24.24 -1.63
CA GLU B 47 11.96 -25.47 -2.36
C GLU B 47 12.67 -26.48 -1.46
N GLU B 48 13.60 -26.02 -0.62
CA GLU B 48 14.33 -26.93 0.25
C GLU B 48 13.41 -27.55 1.29
N VAL B 49 12.56 -26.74 1.90
CA VAL B 49 11.60 -27.25 2.87
C VAL B 49 10.70 -28.30 2.23
N THR B 50 10.21 -28.05 1.03
CA THR B 50 9.34 -29.01 0.37
C THR B 50 10.09 -30.29 0.06
N GLU B 51 11.33 -30.15 -0.42
CA GLU B 51 12.13 -31.33 -0.74
C GLU B 51 12.36 -32.18 0.51
N LYS B 52 12.83 -31.55 1.59
CA LYS B 52 13.26 -32.28 2.78
C LYS B 52 12.08 -32.87 3.55
N THR B 53 10.89 -32.31 3.35
CA THR B 53 9.70 -32.85 4.02
C THR B 53 8.94 -33.83 3.14
N GLY B 54 9.52 -34.14 1.98
CA GLY B 54 8.91 -35.10 1.07
C GLY B 54 7.58 -34.61 0.54
N GLY B 55 7.43 -33.30 0.42
CA GLY B 55 6.23 -32.71 -0.13
C GLY B 55 5.15 -32.47 0.90
N GLU B 56 5.42 -32.78 2.16
CA GLU B 56 4.43 -32.60 3.22
C GLU B 56 4.13 -31.12 3.44
N ILE B 57 5.14 -30.26 3.33
CA ILE B 57 4.95 -28.83 3.39
C ILE B 57 5.21 -28.22 2.02
N LYS B 58 4.23 -27.49 1.50
CA LYS B 58 4.34 -26.78 0.24
C LYS B 58 3.97 -25.33 0.46
N GLY B 59 4.40 -24.46 -0.45
CA GLY B 59 4.12 -23.06 -0.31
C GLY B 59 4.46 -22.27 -1.54
N LYS B 60 4.18 -20.98 -1.48
CA LYS B 60 4.38 -20.09 -2.59
C LYS B 60 4.87 -18.75 -2.06
N VAL B 61 5.83 -18.16 -2.75
CA VAL B 61 6.28 -16.79 -2.43
C VAL B 61 5.53 -15.82 -3.35
N PHE B 62 4.88 -14.83 -2.73
CA PHE B 62 4.12 -13.78 -3.45
C PHE B 62 4.97 -12.53 -3.53
N HIS B 63 5.44 -12.26 -4.74
CA HIS B 63 6.37 -11.17 -5.01
C HIS B 63 5.68 -9.81 -5.19
N ALA B 64 6.49 -8.76 -5.21
CA ALA B 64 6.06 -7.43 -5.58
C ALA B 64 5.05 -6.81 -4.63
N GLY B 65 5.05 -7.28 -3.39
CA GLY B 65 4.22 -6.72 -2.35
C GLY B 65 2.74 -6.87 -2.58
N VAL B 66 2.36 -7.84 -3.41
CA VAL B 66 0.95 -8.02 -3.77
C VAL B 66 0.08 -8.37 -2.56
N LEU B 67 0.68 -8.95 -1.50
CA LEU B 67 -0.09 -9.31 -0.32
C LEU B 67 -0.04 -8.27 0.78
N GLY B 68 0.57 -7.12 0.50
CA GLY B 68 0.49 -6.01 1.42
C GLY B 68 1.73 -5.12 1.45
N SER B 69 1.57 -3.90 1.96
CA SER B 69 2.72 -3.06 2.30
C SER B 69 3.51 -3.72 3.42
N GLN B 70 4.72 -3.25 3.65
CA GLN B 70 5.59 -3.94 4.56
C GLN B 70 5.07 -3.89 6.02
N PRO B 71 4.63 -2.73 6.52
CA PRO B 71 4.13 -2.74 7.90
C PRO B 71 2.93 -3.67 8.04
N ASP B 72 2.08 -3.71 7.03
CA ASP B 72 0.91 -4.59 7.09
C ASP B 72 1.29 -6.06 6.99
N ALA B 73 2.29 -6.38 6.19
CA ALA B 73 2.74 -7.75 6.06
C ALA B 73 3.35 -8.27 7.38
N ILE B 74 4.06 -7.39 8.07
CA ILE B 74 4.62 -7.75 9.37
C ILE B 74 3.47 -8.08 10.34
N GLU B 75 2.41 -7.28 10.31
CA GLU B 75 1.26 -7.54 11.16
C GLU B 75 0.63 -8.89 10.79
N GLN B 76 0.50 -9.16 9.50
CA GLN B 76 -0.07 -10.45 9.07
C GLN B 76 0.76 -11.61 9.58
N LEU B 77 2.07 -11.48 9.50
CA LEU B 77 2.95 -12.57 9.93
C LEU B 77 2.81 -12.81 11.44
N ARG B 78 2.80 -11.74 12.22
CA ARG B 78 2.57 -11.89 13.66
C ARG B 78 1.24 -12.54 14.01
N LEU B 79 0.21 -12.25 13.23
CA LEU B 79 -1.12 -12.83 13.41
C LEU B 79 -1.25 -14.28 12.92
N GLY B 80 -0.26 -14.74 12.17
CA GLY B 80 -0.29 -16.08 11.61
C GLY B 80 -1.04 -16.20 10.31
N ILE B 81 -1.38 -15.05 9.72
CA ILE B 81 -2.10 -14.96 8.45
C ILE B 81 -1.13 -15.14 7.30
N MSE B 82 0.13 -14.75 7.53
CA MSE B 82 1.26 -14.91 6.60
C MSE B 82 2.22 -15.89 7.24
O MSE B 82 2.54 -15.72 8.40
CB MSE B 82 1.99 -13.58 6.38
CG MSE B 82 3.02 -13.66 5.30
SE MSE B 82 2.27 -13.79 3.52
CE MSE B 82 1.47 -12.05 3.50
H MSE B 82 0.36 -14.37 8.26
HA MSE B 82 0.95 -15.25 5.74
HB2 MSE B 82 1.35 -12.89 6.14
HB3 MSE B 82 2.44 -13.33 7.21
HG2 MSE B 82 3.58 -12.87 5.33
HG3 MSE B 82 3.58 -14.45 5.45
HE1 MSE B 82 1.03 -11.92 2.66
HE2 MSE B 82 0.84 -11.98 4.21
HE3 MSE B 82 2.16 -11.39 3.61
N ASP B 83 2.69 -16.89 6.50
CA ASP B 83 3.54 -17.89 7.13
C ASP B 83 5.00 -17.52 7.20
N PHE B 84 5.50 -16.90 6.15
CA PHE B 84 6.91 -16.49 6.14
C PHE B 84 7.12 -15.26 5.29
N GLY B 85 8.29 -14.65 5.40
CA GLY B 85 8.56 -13.45 4.65
C GLY B 85 9.98 -13.03 4.81
N VAL B 86 10.42 -12.12 3.94
CA VAL B 86 11.64 -11.40 4.22
C VAL B 86 11.27 -9.94 4.42
N PHE B 87 11.64 -9.43 5.59
CA PHE B 87 11.28 -8.06 5.98
C PHE B 87 12.53 -7.28 6.29
N SER B 88 12.59 -6.06 5.77
CA SER B 88 13.56 -5.12 6.25
C SER B 88 13.32 -4.87 7.73
N LEU B 89 14.37 -4.78 8.51
CA LEU B 89 14.18 -4.42 9.89
C LEU B 89 13.78 -2.95 10.04
N GLY B 90 13.88 -2.15 8.97
CA GLY B 90 13.53 -0.75 9.07
C GLY B 90 12.10 -0.53 9.55
N PRO B 91 11.11 -1.09 8.83
CA PRO B 91 9.73 -0.91 9.26
C PRO B 91 9.36 -1.78 10.47
N MSE B 92 10.22 -2.70 10.84
CA MSE B 92 9.98 -3.60 11.97
C MSE B 92 10.04 -2.85 13.31
O MSE B 92 9.56 -3.34 14.33
CB MSE B 92 11.03 -4.71 11.97
CG MSE B 92 10.83 -5.76 13.01
SE MSE B 92 9.31 -6.85 12.61
CE MSE B 92 9.93 -7.94 11.14
H MSE B 92 10.98 -2.83 10.46
HA MSE B 92 9.10 -4.02 11.87
HB2 MSE B 92 11.00 -5.15 11.10
HB3 MSE B 92 11.90 -4.31 12.10
HG2 MSE B 92 11.61 -6.33 13.04
HG3 MSE B 92 10.69 -5.33 13.87
HE1 MSE B 92 9.22 -8.53 10.86
HE2 MSE B 92 10.18 -7.36 10.40
HE3 MSE B 92 10.68 -8.45 11.42
N GLY B 93 10.65 -1.67 13.30
CA GLY B 93 10.82 -0.89 14.52
C GLY B 93 9.52 -0.52 15.23
N GLN B 94 8.41 -0.46 14.50
CA GLN B 94 7.12 -0.15 15.12
C GLN B 94 6.59 -1.34 15.93
N ALA B 95 6.66 -2.53 15.34
CA ALA B 95 6.13 -3.74 15.96
C ALA B 95 7.08 -4.30 17.00
N VAL B 96 8.37 -4.15 16.76
CA VAL B 96 9.39 -4.72 17.61
C VAL B 96 10.40 -3.63 17.96
N PRO B 97 10.15 -2.90 19.02
CA PRO B 97 10.98 -1.73 19.32
C PRO B 97 12.49 -1.99 19.39
N ALA B 98 12.92 -3.16 19.84
CA ALA B 98 14.35 -3.41 19.94
C ALA B 98 15.04 -3.25 18.59
N THR B 99 14.33 -3.56 17.52
CA THR B 99 14.93 -3.55 16.19
C THR B 99 15.26 -2.16 15.66
N ASN B 100 14.79 -1.10 16.33
CA ASN B 100 15.14 0.26 15.89
C ASN B 100 16.64 0.50 15.86
N VAL B 101 17.41 -0.22 16.67
CA VAL B 101 18.85 0.03 16.73
C VAL B 101 19.52 -0.08 15.36
N VAL B 102 19.07 -1.00 14.51
CA VAL B 102 19.75 -1.19 13.22
C VAL B 102 19.39 -0.13 12.19
N SER B 103 18.38 0.69 12.50
CA SER B 103 17.97 1.79 11.65
C SER B 103 18.60 3.11 12.07
N LEU B 104 19.54 3.06 13.00
CA LEU B 104 20.24 4.31 13.36
C LEU B 104 21.29 4.59 12.30
N PRO B 105 21.43 5.87 11.92
CA PRO B 105 22.39 6.17 10.84
C PRO B 105 23.83 5.86 11.23
N PHE B 106 24.52 5.21 10.31
CA PHE B 106 25.93 4.89 10.48
C PHE B 106 26.23 4.04 11.73
N VAL B 107 25.25 3.26 12.17
CA VAL B 107 25.45 2.44 13.36
C VAL B 107 26.43 1.29 13.08
N PHE B 108 26.40 0.74 11.87
CA PHE B 108 27.35 -0.28 11.43
C PHE B 108 28.54 0.37 10.71
N LYS B 109 29.73 -0.16 10.97
CA LYS B 109 30.94 0.34 10.34
C LYS B 109 31.10 -0.16 8.91
N SER B 110 30.51 -1.30 8.63
CA SER B 110 30.66 -1.94 7.32
C SER B 110 29.70 -3.11 7.25
N VAL B 111 29.50 -3.64 6.05
CA VAL B 111 28.62 -4.80 5.91
C VAL B 111 29.26 -6.03 6.57
N PRO B 112 30.58 -6.25 6.41
CA PRO B 112 31.17 -7.39 7.14
C PRO B 112 30.97 -7.29 8.65
N GLN B 113 31.05 -6.09 9.21
CA GLN B 113 30.78 -5.94 10.64
C GLN B 113 29.32 -6.26 10.95
N MSE B 114 28.42 -5.82 10.09
CA MSE B 114 27.00 -6.13 10.28
C MSE B 114 26.78 -7.65 10.29
O MSE B 114 26.04 -8.15 11.14
CB MSE B 114 26.14 -5.48 9.20
CG MSE B 114 24.66 -5.72 9.34
SE MSE B 114 24.03 -7.31 8.45
CE MSE B 114 24.05 -6.61 6.63
H MSE B 114 28.59 -5.34 9.40
HA MSE B 114 26.72 -5.78 11.14
HB2 MSE B 114 26.29 -4.52 9.22
HB3 MSE B 114 26.41 -5.83 8.33
HG2 MSE B 114 24.45 -5.80 10.28
HG3 MSE B 114 24.19 -4.96 8.95
HE1 MSE B 114 23.75 -7.30 6.03
HE2 MSE B 114 23.45 -5.86 6.59
HE3 MSE B 114 24.94 -6.34 6.40
N TYR B 115 27.42 -8.39 9.38
CA TYR B 115 27.27 -9.84 9.40
C TYR B 115 27.70 -10.39 10.76
N GLU B 116 28.84 -9.94 11.27
CA GLU B 116 29.36 -10.45 12.52
C GLU B 116 28.40 -10.19 13.66
N LEU B 117 27.88 -8.97 13.74
CA LEU B 117 26.98 -8.62 14.83
C LEU B 117 25.67 -9.38 14.74
N MSE B 118 25.13 -9.48 13.54
CA MSE B 118 23.81 -10.08 13.36
C MSE B 118 23.85 -11.60 13.51
O MSE B 118 22.86 -12.21 13.91
CB MSE B 118 23.18 -9.69 12.02
CG MSE B 118 22.92 -8.20 11.91
SE MSE B 118 21.72 -7.51 13.27
CE MSE B 118 20.19 -8.60 12.80
H MSE B 118 25.49 -9.20 12.81
HA MSE B 118 23.22 -9.74 14.06
HB2 MSE B 118 23.79 -9.94 11.32
HB3 MSE B 118 22.34 -10.15 11.92
HG2 MSE B 118 23.76 -7.73 11.98
HG3 MSE B 118 22.52 -8.02 11.04
HE1 MSE B 118 19.47 -8.39 13.39
HE2 MSE B 118 19.94 -8.40 11.90
HE3 MSE B 118 20.42 -9.53 12.89
N ASP B 119 25.00 -12.21 13.20
CA ASP B 119 25.14 -13.65 13.31
C ASP B 119 25.61 -13.99 14.73
N GLY B 120 25.88 -12.96 15.55
CA GLY B 120 26.38 -13.13 16.90
C GLY B 120 25.41 -12.75 18.01
N GLU B 121 25.94 -12.35 19.15
CA GLU B 121 25.11 -12.05 20.31
C GLU B 121 24.15 -10.86 20.13
N PRO B 122 24.60 -9.77 19.50
CA PRO B 122 23.66 -8.67 19.26
C PRO B 122 22.46 -9.11 18.41
N GLY B 123 22.75 -9.86 17.35
CA GLY B 123 21.70 -10.41 16.51
C GLY B 123 20.81 -11.37 17.30
N ALA B 124 21.38 -12.10 18.24
CA ALA B 124 20.60 -13.02 19.07
C ALA B 124 19.61 -12.25 19.94
N ALA B 125 20.03 -11.09 20.43
CA ALA B 125 19.13 -10.25 21.23
C ALA B 125 17.96 -9.79 20.40
N LEU B 126 18.21 -9.42 19.17
CA LEU B 126 17.13 -9.00 18.29
C LEU B 126 16.21 -10.18 17.98
N GLY B 127 16.80 -11.37 17.77
CA GLY B 127 16.00 -12.56 17.54
C GLY B 127 15.05 -12.85 18.70
N LYS B 128 15.53 -12.65 19.92
CA LYS B 128 14.68 -12.88 21.10
C LYS B 128 13.55 -11.84 21.12
N ALA B 129 13.87 -10.59 20.83
CA ALA B 129 12.86 -9.54 20.76
C ALA B 129 11.80 -9.86 19.71
N LEU B 130 12.24 -10.37 18.56
CA LEU B 130 11.31 -10.76 17.50
C LEU B 130 10.40 -11.89 17.99
N GLU B 131 10.98 -12.88 18.66
CA GLU B 131 10.21 -14.05 19.14
C GLU B 131 9.11 -13.62 20.12
N GLU B 132 9.42 -12.64 20.95
CA GLU B 132 8.46 -12.13 21.91
C GLU B 132 7.26 -11.47 21.26
N LYS B 133 7.41 -11.04 20.01
CA LYS B 133 6.36 -10.43 19.23
C LYS B 133 5.80 -11.38 18.15
N GLY B 134 6.12 -12.65 18.26
CA GLY B 134 5.51 -13.64 17.37
C GLY B 134 6.18 -13.91 16.05
N ILE B 135 7.46 -13.60 15.98
CA ILE B 135 8.22 -13.74 14.78
C ILE B 135 9.45 -14.58 15.04
N VAL B 136 9.67 -15.63 14.23
CA VAL B 136 10.85 -16.48 14.38
C VAL B 136 11.86 -16.15 13.28
N ALA B 137 13.00 -15.58 13.68
CA ALA B 137 14.06 -15.24 12.74
C ALA B 137 14.81 -16.48 12.29
N LEU B 138 14.95 -16.64 10.98
CA LEU B 138 15.69 -17.77 10.41
C LEU B 138 17.03 -17.38 9.79
N GLY B 139 17.19 -16.11 9.42
CA GLY B 139 18.44 -15.68 8.83
C GLY B 139 18.35 -14.21 8.52
N TYR B 140 19.51 -13.57 8.39
CA TYR B 140 19.57 -12.16 8.07
C TYR B 140 20.13 -11.99 6.67
N TYR B 141 19.26 -11.56 5.78
CA TYR B 141 19.62 -11.27 4.39
C TYR B 141 20.29 -9.89 4.27
N ASP B 142 21.14 -9.75 3.27
CA ASP B 142 21.92 -8.54 2.99
C ASP B 142 21.07 -7.57 2.17
N ALA B 143 21.10 -6.30 2.54
CA ALA B 143 20.48 -5.24 1.75
C ALA B 143 21.48 -4.11 1.54
N GLY B 144 22.76 -4.41 1.67
CA GLY B 144 23.78 -3.41 1.41
C GLY B 144 23.58 -2.15 2.23
N ALA B 145 23.96 -1.02 1.64
CA ALA B 145 23.86 0.29 2.27
C ALA B 145 22.94 1.16 1.43
N ARG B 146 22.21 2.03 2.10
CA ARG B 146 21.27 2.93 1.45
C ARG B 146 21.92 4.30 1.23
N SER B 147 21.65 4.87 0.06
CA SER B 147 22.20 6.19 -0.33
C SER B 147 21.09 7.01 -0.99
N PHE B 148 21.27 8.33 -0.98
CA PHE B 148 20.24 9.21 -1.53
C PHE B 148 20.22 9.22 -3.05
N TYR B 149 19.02 9.31 -3.63
CA TYR B 149 18.86 9.62 -5.02
C TYR B 149 17.78 10.67 -5.18
N ASN B 150 17.95 11.55 -6.13
CA ASN B 150 16.92 12.54 -6.38
C ASN B 150 16.95 13.05 -7.81
N SER B 151 15.95 13.84 -8.15
CA SER B 151 15.82 14.37 -9.51
C SER B 151 16.26 15.83 -9.62
N VAL B 152 16.82 16.40 -8.55
CA VAL B 152 17.17 17.82 -8.53
C VAL B 152 18.68 18.11 -8.74
N LYS B 153 19.53 17.49 -7.94
CA LYS B 153 20.95 17.80 -7.96
C LYS B 153 21.75 16.81 -7.13
N PRO B 154 23.08 16.76 -7.35
CA PRO B 154 23.90 15.88 -6.50
C PRO B 154 23.90 16.35 -5.05
N ILE B 155 23.98 15.38 -4.15
CA ILE B 155 24.17 15.65 -2.73
C ILE B 155 25.62 15.34 -2.38
N ASN B 156 26.36 16.35 -1.93
CA ASN B 156 27.73 16.17 -1.50
C ASN B 156 27.94 16.50 -0.04
N THR B 157 27.04 17.33 0.52
CA THR B 157 27.10 17.72 1.92
C THR B 157 25.69 17.75 2.48
N PRO B 158 25.55 17.68 3.82
CA PRO B 158 24.18 17.70 4.35
C PRO B 158 23.38 18.95 3.94
N GLU B 159 24.04 20.08 3.74
CA GLU B 159 23.36 21.31 3.33
C GLU B 159 22.60 21.12 2.00
N ASP B 160 23.04 20.16 1.18
CA ASP B 160 22.40 19.92 -0.11
C ASP B 160 21.01 19.29 0.03
N VAL B 161 20.71 18.72 1.20
CA VAL B 161 19.39 18.14 1.47
C VAL B 161 18.38 19.18 1.98
N GLN B 162 18.85 20.38 2.34
CA GLN B 162 17.92 21.41 2.83
C GLN B 162 16.85 21.71 1.82
N GLY B 163 15.59 21.60 2.25
CA GLY B 163 14.45 21.91 1.41
C GLY B 163 14.04 20.79 0.47
N MSE B 164 14.81 19.71 0.42
CA MSE B 164 14.46 18.62 -0.47
C MSE B 164 13.32 17.79 0.12
O MSE B 164 13.30 17.51 1.31
CB MSE B 164 15.68 17.73 -0.71
CG MSE B 164 15.50 16.68 -1.77
SE MSE B 164 17.23 15.84 -2.16
CE MSE B 164 18.16 17.29 -3.02
H MSE B 164 15.53 19.58 0.88
HA MSE B 164 14.18 18.98 -1.34
HB2 MSE B 164 16.42 18.29 -0.96
HB3 MSE B 164 15.88 17.27 0.13
HG2 MSE B 164 14.88 16.00 -1.46
HG3 MSE B 164 15.17 17.10 -2.58
HE1 MSE B 164 19.04 16.98 -3.25
HE2 MSE B 164 17.67 17.54 -3.80
HE3 MSE B 164 18.23 18.02 -2.40
N LYS B 165 12.41 17.34 -0.74
CA LYS B 165 11.34 16.45 -0.33
C LYS B 165 11.78 15.03 -0.56
N VAL B 166 12.00 14.30 0.54
CA VAL B 166 12.59 12.97 0.49
C VAL B 166 11.61 11.96 1.08
N ARG B 167 11.28 10.94 0.29
CA ARG B 167 10.50 9.81 0.83
C ARG B 167 11.37 8.98 1.77
N VAL B 168 10.75 8.53 2.88
CA VAL B 168 11.37 7.59 3.78
C VAL B 168 10.41 6.41 4.06
N MSE B 169 11.00 5.33 4.57
CA MSE B 169 10.25 4.18 5.07
C MSE B 169 9.47 4.55 6.30
O MSE B 169 9.70 5.58 6.91
CB MSE B 169 11.19 3.04 5.48
CG MSE B 169 11.85 2.37 4.35
SE MSE B 169 12.75 0.79 4.98
CE MSE B 169 14.40 1.55 5.58
H MSE B 169 11.85 5.24 4.64
HA MSE B 169 9.64 3.85 4.38
HB2 MSE B 169 11.89 3.40 6.05
HB3 MSE B 169 10.68 2.37 5.96
HG2 MSE B 169 11.19 2.11 3.69
HG3 MSE B 169 12.51 2.97 3.96
HE1 MSE B 169 14.96 0.86 5.93
HE2 MSE B 169 14.83 1.98 4.84
HE3 MSE B 169 14.22 2.20 6.26
N ASN B 170 8.57 3.66 6.70
CA ASN B 170 7.73 3.87 7.84
C ASN B 170 8.42 3.59 9.17
N ASN B 171 9.32 4.48 9.54
CA ASN B 171 9.98 4.46 10.85
C ASN B 171 10.31 5.91 11.18
N ASP B 172 9.90 6.35 12.37
CA ASP B 172 10.10 7.74 12.78
C ASP B 172 11.56 8.15 12.83
N LEU B 173 12.46 7.20 13.04
CA LEU B 173 13.89 7.48 12.99
C LEU B 173 14.28 8.12 11.67
N PHE B 174 13.66 7.69 10.58
CA PHE B 174 14.02 8.20 9.26
C PHE B 174 13.49 9.60 9.02
N VAL B 175 12.37 9.93 9.61
CA VAL B 175 11.87 11.29 9.55
C VAL B 175 12.87 12.24 10.21
N GLY B 176 13.32 11.84 11.41
CA GLY B 176 14.34 12.60 12.13
C GLY B 176 15.63 12.75 11.34
N MSE B 177 16.04 11.69 10.67
CA MSE B 177 17.24 11.70 9.86
C MSE B 177 17.19 12.82 8.80
O MSE B 177 18.11 13.60 8.66
CB MSE B 177 17.41 10.34 9.20
CG MSE B 177 18.52 10.26 8.20
SE MSE B 177 18.64 8.40 7.62
CE MSE B 177 17.22 8.40 6.27
H MSE B 177 15.63 10.93 10.66
HA MSE B 177 18.01 11.86 10.44
HB2 MSE B 177 17.58 9.68 9.88
HB3 MSE B 177 16.59 10.12 8.72
HG2 MSE B 177 18.33 10.81 7.43
HG3 MSE B 177 19.36 10.52 8.61
HE1 MSE B 177 17.16 7.53 5.89
HE2 MSE B 177 16.40 8.63 6.68
HE3 MSE B 177 17.45 9.04 5.59
N ILE B 178 16.08 12.89 8.07
CA ILE B 178 15.92 13.86 7.01
C ILE B 178 15.78 15.28 7.58
N GLU B 179 15.00 15.42 8.64
CA GLU B 179 14.76 16.71 9.27
C GLU B 179 16.04 17.28 9.89
N SER B 180 16.92 16.41 10.37
CA SER B 180 18.20 16.86 10.92
C SER B 180 19.05 17.62 9.88
N MSE B 181 18.80 17.37 8.61
CA MSE B 181 19.51 18.06 7.53
C MSE B 181 18.67 19.10 6.82
O MSE B 181 19.06 19.65 5.80
CB MSE B 181 20.03 17.06 6.52
CG MSE B 181 21.02 16.12 7.15
SE MSE B 181 21.62 14.84 5.84
CE MSE B 181 19.99 13.86 5.63
H MSE B 181 18.23 16.80 8.33
HA MSE B 181 20.30 18.52 7.92
HB2 MSE B 181 19.28 16.54 6.19
HB3 MSE B 181 20.47 17.52 5.80
HG2 MSE B 181 21.78 16.61 7.47
HG3 MSE B 181 20.59 15.63 7.88
HE1 MSE B 181 20.12 13.17 4.99
HE2 MSE B 181 19.74 13.49 6.48
HE3 MSE B 181 19.30 14.46 5.33
N GLY B 182 17.52 19.40 7.40
CA GLY B 182 16.69 20.46 6.89
C GLY B 182 15.81 20.03 5.72
N GLY B 183 15.74 18.72 5.48
CA GLY B 183 14.84 18.22 4.45
C GLY B 183 13.44 18.04 4.98
N ASN B 184 12.54 17.67 4.06
CA ASN B 184 11.14 17.39 4.36
C ASN B 184 10.91 15.92 4.13
N ALA B 185 10.57 15.17 5.18
CA ALA B 185 10.38 13.73 5.05
C ALA B 185 8.93 13.36 4.87
N THR B 186 8.67 12.41 3.97
CA THR B 186 7.35 11.83 3.83
C THR B 186 7.45 10.32 3.94
N PRO B 187 6.92 9.74 5.02
CA PRO B 187 6.84 8.28 5.09
C PRO B 187 5.83 7.77 4.05
N MSE B 188 6.23 6.79 3.26
CA MSE B 188 5.44 6.31 2.15
C MSE B 188 5.82 4.87 1.83
O MSE B 188 6.99 4.51 1.79
CB MSE B 188 5.68 7.18 0.91
CG MSE B 188 4.84 6.84 -0.28
SE MSE B 188 5.31 7.92 -1.81
CE MSE B 188 4.93 9.70 -1.12
H MSE B 188 6.98 6.37 3.36
HA MSE B 188 4.49 6.35 2.38
HB2 MSE B 188 5.50 8.12 1.14
HB3 MSE B 188 6.61 7.10 0.64
HG2 MSE B 188 4.97 5.90 -0.51
HG3 MSE B 188 3.91 7.01 -0.06
HE1 MSE B 188 5.12 10.35 -1.79
HE2 MSE B 188 4.00 9.74 -0.88
HE3 MSE B 188 5.47 9.86 -0.35
N ALA B 189 4.81 4.05 1.57
CA ALA B 189 5.03 2.68 1.15
C ALA B 189 5.88 2.62 -0.11
N PHE B 190 6.73 1.60 -0.17
CA PHE B 190 7.71 1.47 -1.24
C PHE B 190 7.09 1.43 -2.62
N ALA B 191 5.94 0.77 -2.75
CA ALA B 191 5.30 0.61 -4.05
C ALA B 191 4.84 1.92 -4.67
N GLU B 192 4.70 2.96 -3.84
CA GLU B 192 4.15 4.22 -4.28
C GLU B 192 5.24 5.20 -4.68
N VAL B 193 6.50 4.84 -4.43
CA VAL B 193 7.62 5.79 -4.60
C VAL B 193 7.83 6.17 -6.06
N TYR B 194 7.78 5.21 -6.99
CA TYR B 194 8.07 5.49 -8.39
C TYR B 194 7.16 6.60 -8.91
N GLN B 195 5.85 6.46 -8.71
CA GLN B 195 4.90 7.47 -9.20
C GLN B 195 5.12 8.81 -8.52
N SER B 196 5.46 8.81 -7.24
CA SER B 196 5.62 10.07 -6.54
C SER B 196 6.89 10.81 -7.01
N ILE B 197 7.96 10.09 -7.34
CA ILE B 197 9.14 10.74 -7.91
C ILE B 197 8.86 11.17 -9.35
N LYS B 198 8.26 10.28 -10.12
CA LYS B 198 7.96 10.59 -11.52
C LYS B 198 7.13 11.85 -11.66
N THR B 199 6.10 11.98 -10.82
CA THR B 199 5.18 13.11 -10.94
C THR B 199 5.65 14.35 -10.16
N GLY B 200 6.83 14.28 -9.56
CA GLY B 200 7.39 15.46 -8.90
C GLY B 200 6.92 15.76 -7.49
N VAL B 201 6.15 14.85 -6.90
CA VAL B 201 5.60 15.00 -5.56
C VAL B 201 6.74 14.98 -4.52
N VAL B 202 7.69 14.06 -4.71
CA VAL B 202 8.91 14.07 -3.91
C VAL B 202 10.08 14.20 -4.85
N ASP B 203 11.17 14.75 -4.33
CA ASP B 203 12.35 14.97 -5.13
C ASP B 203 13.17 13.70 -5.20
N GLY B 204 13.03 12.83 -4.21
CA GLY B 204 13.86 11.63 -4.19
C GLY B 204 13.57 10.75 -2.98
N ALA B 205 14.51 9.85 -2.74
CA ALA B 205 14.38 8.85 -1.70
C ALA B 205 15.78 8.32 -1.41
N GLU B 206 15.87 7.19 -0.73
CA GLU B 206 17.20 6.63 -0.47
C GLU B 206 17.08 5.13 -0.41
N ASN B 207 18.11 4.45 -0.92
CA ASN B 207 18.08 3.01 -0.99
C ASN B 207 19.39 2.46 -1.53
N ASN B 208 19.49 1.14 -1.48
CA ASN B 208 20.63 0.44 -2.04
C ASN B 208 20.54 0.38 -3.57
N PRO B 209 21.63 -0.03 -4.23
CA PRO B 209 21.60 0.05 -5.69
C PRO B 209 20.60 -0.87 -6.36
N PRO B 210 20.51 -2.13 -5.92
CA PRO B 210 19.52 -2.99 -6.57
C PRO B 210 18.06 -2.49 -6.38
N SER B 211 17.73 -1.87 -5.27
CA SER B 211 16.37 -1.34 -5.10
C SER B 211 16.15 -0.15 -6.03
N TYR B 212 17.11 0.76 -6.05
CA TYR B 212 17.07 1.95 -6.90
C TYR B 212 16.94 1.56 -8.38
N GLU B 213 17.61 0.50 -8.77
CA GLU B 213 17.58 0.03 -10.14
C GLU B 213 16.31 -0.78 -10.45
N SER B 214 16.01 -1.78 -9.61
CA SER B 214 14.97 -2.73 -9.96
C SER B 214 13.57 -2.11 -10.03
N THR B 215 13.36 -1.06 -9.26
CA THR B 215 12.08 -0.34 -9.23
C THR B 215 11.94 0.73 -10.32
N SER B 216 12.99 0.92 -11.11
CA SER B 216 13.07 1.99 -12.09
C SER B 216 13.11 3.39 -11.49
N HIS B 217 13.38 3.50 -10.20
CA HIS B 217 13.54 4.84 -9.61
C HIS B 217 14.66 5.60 -10.30
N PHE B 218 15.69 4.89 -10.73
CA PHE B 218 16.84 5.53 -11.40
C PHE B 218 16.48 6.20 -12.71
N GLU B 219 15.34 5.85 -13.29
CA GLU B 219 14.87 6.44 -14.54
C GLU B 219 14.22 7.78 -14.30
N VAL B 220 13.80 8.03 -13.06
CA VAL B 220 13.10 9.27 -12.70
C VAL B 220 13.85 10.14 -11.69
N ALA B 221 14.90 9.62 -11.07
CA ALA B 221 15.77 10.38 -10.15
C ALA B 221 17.23 10.06 -10.52
N LYS B 222 17.81 10.92 -11.35
CA LYS B 222 19.07 10.59 -12.02
C LYS B 222 20.35 10.96 -11.29
N TYR B 223 20.24 11.48 -10.08
CA TYR B 223 21.41 11.76 -9.24
C TYR B 223 21.44 10.75 -8.11
N TYR B 224 22.54 10.01 -7.98
CA TYR B 224 22.69 9.01 -6.92
C TYR B 224 23.95 9.38 -6.18
N SER B 225 23.83 9.64 -4.87
CA SER B 225 24.91 10.19 -4.06
C SER B 225 25.20 9.17 -2.94
N LEU B 226 26.39 8.57 -2.96
CA LEU B 226 26.69 7.40 -2.14
C LEU B 226 27.03 7.72 -0.69
N THR B 227 26.04 8.26 0.01
CA THR B 227 26.15 8.55 1.43
C THR B 227 26.27 7.27 2.28
N GLN B 228 25.63 6.18 1.85
CA GLN B 228 25.74 4.91 2.54
C GLN B 228 25.46 5.11 4.03
N HIS B 229 24.37 5.83 4.29
CA HIS B 229 24.05 6.32 5.64
C HIS B 229 23.32 5.30 6.52
N LEU B 230 22.78 4.25 5.90
CA LEU B 230 22.10 3.19 6.64
C LEU B 230 22.55 1.87 6.05
N ILE B 231 22.68 0.88 6.93
CA ILE B 231 22.87 -0.52 6.55
C ILE B 231 21.82 -1.27 7.38
N ILE B 232 20.78 -1.74 6.71
CA ILE B 232 19.61 -2.29 7.41
C ILE B 232 19.45 -3.74 7.02
N PRO B 233 19.75 -4.64 7.97
CA PRO B 233 19.57 -6.05 7.67
C PRO B 233 18.13 -6.38 7.41
N GLU B 234 17.93 -7.50 6.72
CA GLU B 234 16.58 -8.00 6.49
C GLU B 234 16.48 -9.37 7.11
N CYS B 235 15.29 -9.72 7.53
CA CYS B 235 15.11 -10.96 8.26
C CYS B 235 14.19 -11.88 7.47
N LEU B 236 14.70 -13.05 7.12
CA LEU B 236 13.88 -14.17 6.69
C LEU B 236 13.27 -14.73 7.96
N CYS B 237 11.95 -14.68 8.05
CA CYS B 237 11.32 -15.15 9.25
C CYS B 237 10.03 -15.86 8.98
N MSE B 238 9.59 -16.55 10.02
CA MSE B 238 8.36 -17.31 10.00
C MSE B 238 7.45 -16.76 11.09
O MSE B 238 7.89 -16.28 12.14
CB MSE B 238 8.66 -18.77 10.28
CG MSE B 238 7.47 -19.68 10.29
SE MSE B 238 8.02 -21.48 9.85
CE MSE B 238 8.71 -20.98 8.22
H MSE B 238 10.01 -16.60 10.78
HA MSE B 238 7.94 -17.23 9.13
HB2 MSE B 238 9.27 -19.09 9.60
HB3 MSE B 238 9.09 -18.83 11.15
HG2 MSE B 238 7.07 -19.68 11.17
HG3 MSE B 238 6.82 -19.37 9.63
HE1 MSE B 238 9.06 -21.74 7.77
HE2 MSE B 238 8.00 -20.59 7.69
HE3 MSE B 238 9.40 -20.32 8.36
N SER B 239 6.14 -16.85 10.84
CA SER B 239 5.19 -16.64 11.89
C SER B 239 5.45 -17.65 13.00
N LYS B 240 5.56 -17.18 14.24
CA LYS B 240 5.75 -18.13 15.34
C LYS B 240 4.56 -19.08 15.47
N LYS B 241 3.36 -18.59 15.19
CA LYS B 241 2.20 -19.48 15.19
C LYS B 241 2.39 -20.65 14.21
N THR B 242 2.88 -20.36 13.01
CA THR B 242 3.11 -21.42 12.04
C THR B 242 4.26 -22.32 12.47
N PHE B 243 5.35 -21.72 12.93
CA PHE B 243 6.51 -22.48 13.38
C PHE B 243 6.15 -23.43 14.52
N ASP B 244 5.34 -22.96 15.45
CA ASP B 244 4.98 -23.78 16.63
C ASP B 244 4.06 -24.97 16.30
N GLY B 245 3.49 -24.96 15.10
CA GLY B 245 2.64 -26.04 14.63
C GLY B 245 3.44 -27.12 13.92
N LEU B 246 4.75 -26.90 13.81
CA LEU B 246 5.63 -27.87 13.16
C LEU B 246 6.20 -28.89 14.14
N THR B 247 6.47 -30.08 13.65
CA THR B 247 7.15 -31.07 14.49
C THR B 247 8.56 -30.60 14.78
N PRO B 248 9.20 -31.15 15.82
CA PRO B 248 10.59 -30.76 16.07
C PRO B 248 11.48 -31.01 14.85
N GLU B 249 11.25 -32.12 14.14
CA GLU B 249 12.02 -32.43 12.94
C GLU B 249 11.78 -31.38 11.83
N GLN B 250 10.53 -30.99 11.62
CA GLN B 250 10.21 -29.95 10.65
C GLN B 250 10.83 -28.61 11.05
N GLN B 251 10.85 -28.32 12.35
CA GLN B 251 11.47 -27.09 12.84
C GLN B 251 12.95 -27.09 12.48
N GLU B 252 13.65 -28.20 12.69
CA GLU B 252 15.06 -28.24 12.30
C GLU B 252 15.26 -28.10 10.78
N ILE B 253 14.38 -28.71 10.00
CA ILE B 253 14.46 -28.57 8.53
C ILE B 253 14.31 -27.11 8.10
N VAL B 254 13.34 -26.41 8.68
CA VAL B 254 13.11 -25.01 8.40
C VAL B 254 14.30 -24.16 8.80
N LYS B 255 14.88 -24.42 9.96
CA LYS B 255 16.03 -23.65 10.39
C LYS B 255 17.23 -23.86 9.45
N THR B 256 17.46 -25.11 9.07
CA THR B 256 18.56 -25.41 8.15
C THR B 256 18.33 -24.75 6.79
N ALA B 257 17.11 -24.86 6.28
CA ALA B 257 16.79 -24.29 4.99
C ALA B 257 16.94 -22.77 5.03
N GLY B 258 16.59 -22.18 6.16
CA GLY B 258 16.71 -20.73 6.33
C GLY B 258 18.16 -20.28 6.25
N LYS B 259 19.03 -20.99 6.94
CA LYS B 259 20.46 -20.66 6.93
C LYS B 259 21.02 -20.87 5.53
N ASN B 260 20.69 -21.97 4.87
CA ASN B 260 21.19 -22.19 3.52
C ASN B 260 20.73 -21.10 2.56
N SER B 261 19.48 -20.68 2.70
CA SER B 261 18.94 -19.65 1.80
C SER B 261 19.61 -18.30 2.03
N THR B 262 20.06 -18.06 3.26
CA THR B 262 20.79 -16.84 3.62
C THR B 262 22.18 -16.84 2.97
N ASP B 263 22.85 -17.98 2.99
CA ASP B 263 24.15 -18.12 2.32
C ASP B 263 23.99 -17.79 0.84
N LEU B 264 22.94 -18.35 0.23
CA LEU B 264 22.65 -18.09 -1.16
C LEU B 264 22.35 -16.62 -1.41
N GLN B 265 21.46 -16.04 -0.62
CA GLN B 265 21.05 -14.68 -0.89
C GLN B 265 22.22 -13.70 -0.78
N ARG B 266 23.11 -13.93 0.19
CA ARG B 266 24.23 -13.02 0.36
C ARG B 266 25.16 -13.07 -0.86
N LYS B 267 25.33 -14.26 -1.43
CA LYS B 267 26.15 -14.39 -2.64
C LYS B 267 25.47 -13.72 -3.84
N LEU B 268 24.18 -13.95 -3.98
CA LEU B 268 23.44 -13.27 -5.05
C LEU B 268 23.43 -11.76 -4.87
N TRP B 269 23.40 -11.31 -3.63
CA TRP B 269 23.39 -9.87 -3.35
C TRP B 269 24.65 -9.19 -3.89
N GLY B 270 25.81 -9.76 -3.62
CA GLY B 270 27.05 -9.20 -4.13
C GLY B 270 27.05 -9.08 -5.64
N GLU B 271 26.55 -10.12 -6.30
CA GLU B 271 26.46 -10.15 -7.76
C GLU B 271 25.53 -9.04 -8.24
N ARG B 272 24.38 -8.92 -7.58
CA ARG B 272 23.39 -7.96 -8.04
C ARG B 272 23.82 -6.53 -7.78
N GLU B 273 24.49 -6.26 -6.68
CA GLU B 273 24.95 -4.87 -6.47
C GLU B 273 25.79 -4.41 -7.64
N ALA B 274 26.73 -5.25 -8.04
CA ALA B 274 27.60 -4.90 -9.15
C ALA B 274 26.81 -4.75 -10.44
N ALA B 275 25.89 -5.69 -10.70
CA ALA B 275 25.11 -5.64 -11.92
C ALA B 275 24.23 -4.39 -11.97
N SER B 276 23.60 -4.07 -10.84
CA SER B 276 22.75 -2.87 -10.77
C SER B 276 23.54 -1.59 -10.99
N MSE B 277 24.72 -1.50 -10.40
CA MSE B 277 25.54 -0.31 -10.59
C MSE B 277 25.87 -0.09 -12.07
O MSE B 277 25.87 1.03 -12.56
CB MSE B 277 26.82 -0.40 -9.77
CG MSE B 277 26.61 -0.19 -8.27
SE MSE B 277 25.97 1.59 -7.79
CE MSE B 277 26.85 2.64 -9.09
H MSE B 277 25.06 -2.09 -9.88
HA MSE B 277 25.03 0.47 -10.26
HB2 MSE B 277 27.20 -1.29 -9.89
HB3 MSE B 277 27.44 0.27 -10.08
HG2 MSE B 277 25.96 -0.84 -7.95
HG3 MSE B 277 27.46 -0.34 -7.82
HE1 MSE B 277 26.61 3.57 -8.96
HE2 MSE B 277 27.80 2.54 -9.00
HE3 MSE B 277 26.57 2.35 -9.96
N LYS B 278 26.12 -1.18 -12.79
CA LYS B 278 26.42 -1.08 -14.21
C LYS B 278 25.19 -0.61 -14.99
N ILE B 279 24.03 -1.14 -14.67
CA ILE B 279 22.78 -0.71 -15.31
C ILE B 279 22.52 0.78 -15.03
N ILE B 280 22.71 1.20 -13.80
CA ILE B 280 22.53 2.58 -13.38
C ILE B 280 23.44 3.53 -14.17
N MSE B 281 24.73 3.18 -14.22
CA MSE B 281 25.70 4.03 -14.89
C MSE B 281 25.45 4.05 -16.40
O MSE B 281 25.58 5.10 -17.02
CB MSE B 281 27.12 3.57 -14.52
CG MSE B 281 27.46 3.90 -13.05
SE MSE B 281 29.23 3.29 -12.43
CE MSE B 281 29.01 1.37 -12.59
H MSE B 281 25.05 2.47 -13.88
HA MSE B 281 25.59 4.94 -14.55
HB2 MSE B 281 27.18 2.61 -14.64
HB3 MSE B 281 27.75 4.03 -15.08
HG2 MSE B 281 27.43 4.85 -12.93
HG3 MSE B 281 26.80 3.47 -12.49
HE1 MSE B 281 29.83 0.95 -12.32
HE2 MSE B 281 28.28 1.09 -12.04
HE3 MSE B 281 28.83 1.16 -13.51
N ASP B 282 25.05 2.93 -16.98
CA ASP B 282 24.72 2.88 -18.40
C ASP B 282 23.40 3.60 -18.75
N GLY B 283 22.55 3.82 -17.74
CA GLY B 283 21.25 4.41 -17.94
C GLY B 283 21.24 5.92 -17.72
N GLY B 284 22.42 6.50 -17.60
CA GLY B 284 22.57 7.94 -17.59
C GLY B 284 22.56 8.57 -16.22
N VAL B 285 22.60 7.77 -15.17
CA VAL B 285 22.62 8.32 -13.83
C VAL B 285 23.97 8.97 -13.53
N GLU B 286 23.92 10.11 -12.85
CA GLU B 286 25.13 10.76 -12.37
C GLU B 286 25.37 10.30 -10.95
N VAL B 287 26.40 9.50 -10.76
CA VAL B 287 26.74 8.96 -9.46
C VAL B 287 27.88 9.73 -8.85
N ASN B 288 27.73 10.17 -7.61
CA ASN B 288 28.85 10.78 -6.93
C ASN B 288 29.16 10.10 -5.61
N GLU B 289 30.44 9.99 -5.30
CA GLU B 289 30.85 9.51 -4.00
C GLU B 289 30.94 10.65 -2.99
N ILE B 290 31.01 10.29 -1.71
CA ILE B 290 31.10 11.28 -0.65
C ILE B 290 32.48 11.14 0.01
N ASP B 292 33.38 13.60 2.22
CA ASP B 292 33.38 13.88 3.66
C ASP B 292 32.19 13.25 4.35
N LYS B 293 32.25 11.97 4.68
CA LYS B 293 31.07 11.38 5.34
C LYS B 293 30.93 11.88 6.77
N SER B 294 32.01 12.45 7.32
CA SER B 294 31.98 13.00 8.68
C SER B 294 30.87 14.02 8.88
N ALA B 295 30.62 14.86 7.88
CA ALA B 295 29.59 15.88 8.02
C ALA B 295 28.20 15.28 8.10
N PHE B 296 27.98 14.19 7.37
CA PHE B 296 26.68 13.49 7.43
C PHE B 296 26.54 12.80 8.78
N GLN B 297 27.61 12.17 9.25
CA GLN B 297 27.56 11.50 10.54
C GLN B 297 27.27 12.51 11.67
N GLU B 298 27.89 13.67 11.62
CA GLU B 298 27.72 14.68 12.65
C GLU B 298 26.29 15.22 12.60
N ALA B 299 25.77 15.38 11.40
CA ALA B 299 24.42 15.93 11.23
C ALA B 299 23.35 14.99 11.80
N MSE B 300 23.69 13.71 11.91
CA MSE B 300 22.77 12.67 12.43
C MSE B 300 22.71 12.44 13.90
O MSE B 300 21.87 11.65 14.37
CB MSE B 300 23.22 11.33 11.94
CG MSE B 300 23.18 11.30 10.55
SE MSE B 300 21.41 11.37 9.95
CE MSE B 300 22.23 10.56 8.38
H MSE B 300 24.46 13.40 11.68
HA MSE B 300 21.87 12.84 12.09
HB2 MSE B 300 24.13 11.17 12.22
HB3 MSE B 300 22.62 10.64 12.29
HG2 MSE B 300 23.66 12.06 10.20
HG3 MSE B 300 23.57 10.47 10.25
HE1 MSE B 300 21.56 10.41 7.71
HE2 MSE B 300 22.91 11.16 8.03
HE3 MSE B 300 22.63 9.73 8.63
N VAL B 301 23.63 13.04 14.63
CA VAL B 301 23.75 12.83 16.06
C VAL B 301 22.39 12.97 16.72
N PRO B 302 21.59 13.97 16.29
CA PRO B 302 20.32 14.13 17.01
C PRO B 302 19.36 12.95 16.90
N VAL B 303 19.47 12.13 15.85
CA VAL B 303 18.62 10.95 15.73
C VAL B 303 18.88 10.00 16.89
N TYR B 304 20.16 9.83 17.25
CA TYR B 304 20.53 8.99 18.36
C TYR B 304 20.04 9.58 19.67
N GLU B 305 20.25 10.89 19.83
CA GLU B 305 19.84 11.56 21.06
C GLU B 305 18.34 11.45 21.26
N LYS B 306 17.57 11.67 20.19
CA LYS B 306 16.13 11.60 20.29
C LYS B 306 15.65 10.18 20.62
N TYR B 307 16.23 9.20 19.97
CA TYR B 307 15.81 7.82 20.19
C TYR B 307 16.06 7.42 21.63
N LEU B 308 17.22 7.75 22.17
CA LEU B 308 17.52 7.35 23.54
C LEU B 308 16.81 8.22 24.57
N ALA B 309 16.50 9.47 24.23
CA ALA B 309 15.65 10.27 25.12
C ALA B 309 14.24 9.69 25.25
N ALA B 310 13.69 9.16 24.16
CA ALA B 310 12.37 8.54 24.20
C ALA B 310 12.42 7.14 24.79
N ASN B 311 13.54 6.44 24.59
CA ASN B 311 13.65 5.03 24.95
C ASN B 311 14.93 4.71 25.71
N PRO B 312 15.10 5.28 26.91
CA PRO B 312 16.37 5.14 27.63
C PRO B 312 16.69 3.69 27.98
N GLU B 313 15.67 2.84 28.03
CA GLU B 313 15.91 1.45 28.35
C GLU B 313 16.65 0.73 27.21
N MSE B 314 16.72 1.38 26.05
CA MSE B 314 17.41 0.80 24.90
C MSE B 314 18.88 1.16 24.88
O MSE B 314 19.59 0.78 23.95
CB MSE B 314 16.79 1.24 23.57
CG MSE B 314 15.42 0.67 23.30
SE MSE B 314 15.36 -1.27 23.36
CE MSE B 314 13.44 -1.43 23.07
H MSE B 314 16.38 2.16 25.89
HA MSE B 314 17.32 -0.18 24.96
HB2 MSE B 314 16.71 2.20 23.57
HB3 MSE B 314 17.37 0.95 22.85
HG2 MSE B 314 14.81 1.01 23.97
HG3 MSE B 314 15.14 0.95 22.41
HE1 MSE B 314 13.20 -2.36 23.07
HE2 MSE B 314 13.22 -1.03 22.23
HE3 MSE B 314 12.98 -0.97 23.78
N THR B 315 19.36 1.87 25.90
CA THR B 315 20.72 2.36 25.86
C THR B 315 21.76 1.23 25.75
N ASP B 316 21.61 0.18 26.57
CA ASP B 316 22.61 -0.89 26.54
C ASP B 316 22.66 -1.57 25.17
N LEU B 317 21.49 -1.80 24.60
CA LEU B 317 21.39 -2.45 23.30
C LEU B 317 22.01 -1.57 22.22
N VAL B 318 21.70 -0.28 22.22
CA VAL B 318 22.28 0.61 21.23
C VAL B 318 23.80 0.62 21.34
N ASN B 319 24.31 0.63 22.58
CA ASN B 319 25.76 0.63 22.81
C ASN B 319 26.40 -0.65 22.30
N LEU B 320 25.69 -1.75 22.43
CA LEU B 320 26.18 -3.03 22.00
C LEU B 320 26.48 -3.04 20.50
N PHE B 321 25.70 -2.28 19.75
CA PHE B 321 25.91 -2.14 18.32
C PHE B 321 26.90 -1.00 17.99
N ARG B 322 26.63 0.20 18.47
CA ARG B 322 27.39 1.35 18.01
C ARG B 322 28.82 1.36 18.52
N ASN B 323 29.07 0.71 19.65
CA ASN B 323 30.42 0.66 20.20
C ASN B 323 31.16 -0.64 19.88
N ALA B 324 30.59 -1.46 19.00
CA ALA B 324 31.24 -2.72 18.65
C ALA B 324 32.53 -2.45 17.89
CL CL C . -5.43 1.61 -2.29
C1 GTR D . -13.13 5.60 -0.97
C2 GTR D . -13.49 4.21 -1.34
C3 GTR D . -12.27 3.34 -1.11
C4 GTR D . -11.09 3.81 -1.95
C5 GTR D . -10.86 5.27 -1.57
C6 GTR D . -9.75 5.87 -2.43
O1 GTR D . -14.25 6.51 -1.24
O2 GTR D . -14.57 3.79 -0.46
O3 GTR D . -12.61 2.02 -1.57
O4 GTR D . -11.47 3.71 -3.33
O5 GTR D . -12.05 6.06 -1.74
O6A GTR D . -9.88 7.10 -2.70
O6B GTR D . -8.74 5.18 -2.70
CL CL E . 6.06 -0.72 2.08
C1 GTR F . 14.58 -2.04 0.39
C2 GTR F . 14.20 -3.17 1.29
C3 GTR F . 12.69 -3.28 1.20
C4 GTR F . 12.02 -2.03 1.65
C5 GTR F . 12.53 -0.90 0.77
C6 GTR F . 11.95 0.46 1.19
O1 GTR F . 15.98 -1.79 0.49
O2 GTR F . 14.82 -4.34 0.72
O3 GTR F . 12.26 -4.33 2.12
O4 GTR F . 12.38 -1.77 3.02
O5 GTR F . 13.98 -0.81 0.79
O6A GTR F . 10.76 0.51 1.56
O6B GTR F . 12.72 1.45 1.10
#